data_5CPQ
#
_entry.id   5CPQ
#
_cell.length_a   70.650
_cell.length_b   74.220
_cell.length_c   79.700
_cell.angle_alpha   64.970
_cell.angle_beta   69.480
_cell.angle_gamma   66.020
#
_symmetry.space_group_name_H-M   'P 1'
#
loop_
_entity.id
_entity.type
_entity.pdbx_description
1 polymer '4-alpha-glucanotransferase DPE1, chloroplastic/amyloplastic'
2 non-polymer 1,2-ETHANEDIOL
3 water water
#
_entity_poly.entity_id   1
_entity_poly.type   'polypeptide(L)'
_entity_poly.pdbx_seq_one_letter_code
;MHHHHHHGKPIPNPLLGLDSTENLYFQGIDPFTMEVVSSNSTCLSSISVGEDFPSEYEQWLPVPDPESRRRAGVLLHPTS
FRGPHGIGDLGEEAFRFIDWLHSTGCSVWQVLPLVPPDEGGSPYAGQDANCGNTLLISLDELVKDGLLIKDELPQPIDAD
SVNYQTANKLKSPLITKAAKRLIDGNGELKSKLLDFRNDPSISCWLEDAAYFAAIDNTLNAYSWFEWPEPLKNRHLSALE
AIYESQKEFIDLFIAKQFLFQRQWQKVREYARRQGVDIMGDMPIYVGYHSADVWANKKHFLLNKKGFPLLVSGVPPDLFS
ETGQLWGSPLYDWKAMESDQYSWWVNRIRRAQDLYDECRIDHFRGFAGFWAVPSEAKVAMVGRWKVGPGKSLFDAISKGV
GKIKIIAEDLGVITKDVVELRKSIGAPGMAVLQFAFGGGADNPHLPHNHEVNQVVYSGTHDNDTIRGWWDTLDQEEKSKA
MKYLSIAGEDDISWSVIQAAFSSTAQTAIIPMQDILGLGSSARMNTPATEVGNWGWRIPSSTSFDNLETESDRLRDLLSL
YGRL
;
_entity_poly.pdbx_strand_id   A,B
#
# COMPACT_ATOMS: atom_id res chain seq x y z
N ILE A 47 -28.47 -15.47 -9.65
CA ILE A 47 -27.53 -16.13 -8.68
C ILE A 47 -27.12 -17.51 -9.19
N SER A 48 -26.88 -17.61 -10.49
CA SER A 48 -26.57 -18.88 -11.16
C SER A 48 -25.90 -18.63 -12.56
N VAL A 49 -24.90 -19.44 -12.93
CA VAL A 49 -24.06 -19.17 -14.14
C VAL A 49 -24.84 -19.12 -15.48
N GLY A 50 -24.80 -17.98 -16.14
CA GLY A 50 -25.49 -17.79 -17.40
C GLY A 50 -26.82 -17.07 -17.24
N GLU A 51 -27.37 -17.09 -16.02
CA GLU A 51 -28.69 -16.53 -15.75
C GLU A 51 -28.68 -15.03 -15.57
N ASP A 52 -29.86 -14.42 -15.54
CA ASP A 52 -29.96 -12.97 -15.43
C ASP A 52 -29.69 -12.53 -14.00
N PHE A 53 -28.95 -11.44 -13.86
CA PHE A 53 -28.79 -10.79 -12.56
C PHE A 53 -30.04 -9.95 -12.32
N PRO A 54 -30.32 -9.61 -11.06
CA PRO A 54 -31.43 -8.69 -10.73
C PRO A 54 -31.35 -7.33 -11.41
N SER A 55 -32.47 -6.61 -11.33
CA SER A 55 -32.66 -5.29 -11.94
C SER A 55 -31.49 -4.32 -11.79
N GLU A 56 -31.05 -4.13 -10.55
CA GLU A 56 -30.12 -3.06 -10.20
C GLU A 56 -28.68 -3.59 -9.99
N TYR A 57 -28.12 -4.27 -11.00
CA TYR A 57 -26.76 -4.80 -10.90
C TYR A 57 -25.71 -3.69 -10.87
N GLU A 58 -25.81 -2.70 -11.77
CA GLU A 58 -24.79 -1.62 -11.87
C GLU A 58 -24.69 -0.73 -10.62
N GLN A 59 -25.66 -0.80 -9.69
CA GLN A 59 -25.59 -0.07 -8.42
C GLN A 59 -24.91 -0.85 -7.31
N TRP A 60 -24.60 -2.13 -7.56
CA TRP A 60 -23.89 -2.95 -6.60
C TRP A 60 -22.39 -2.60 -6.61
N LEU A 61 -22.10 -1.36 -6.22
CA LEU A 61 -20.77 -0.80 -6.31
C LEU A 61 -19.92 -1.08 -5.06
N PRO A 62 -18.58 -1.12 -5.21
CA PRO A 62 -17.75 -1.26 -4.01
C PRO A 62 -17.96 -0.11 -3.04
N VAL A 63 -17.86 -0.41 -1.75
CA VAL A 63 -18.02 0.59 -0.71
C VAL A 63 -16.73 0.61 0.14
N PRO A 64 -16.16 1.80 0.36
CA PRO A 64 -14.97 1.86 1.22
C PRO A 64 -15.27 1.30 2.62
N ASP A 65 -14.36 0.50 3.16
CA ASP A 65 -14.45 0.06 4.54
C ASP A 65 -14.21 1.27 5.46
N PRO A 66 -15.16 1.58 6.36
CA PRO A 66 -14.97 2.73 7.27
C PRO A 66 -13.76 2.60 8.20
N GLU A 67 -13.38 1.38 8.53
CA GLU A 67 -12.23 1.15 9.41
C GLU A 67 -10.91 1.52 8.72
N SER A 68 -10.94 1.61 7.40
CA SER A 68 -9.80 2.04 6.59
C SER A 68 -9.73 3.57 6.31
N ARG A 69 -10.57 4.38 6.93
CA ARG A 69 -10.61 5.80 6.65
C ARG A 69 -9.27 6.53 6.92
N ARG A 70 -8.77 7.30 5.95
CA ARG A 70 -7.50 8.01 6.11
C ARG A 70 -7.71 9.22 6.98
N ARG A 71 -6.75 9.52 7.84
CA ARG A 71 -6.87 10.64 8.76
C ARG A 71 -5.50 11.26 9.06
N ALA A 72 -5.53 12.34 9.80
CA ALA A 72 -4.32 13.00 10.29
C ALA A 72 -4.50 13.51 11.70
N GLY A 73 -3.36 13.82 12.30
CA GLY A 73 -3.31 14.31 13.67
C GLY A 73 -2.05 15.02 14.10
N VAL A 74 -2.10 15.59 15.30
CA VAL A 74 -1.01 16.34 15.86
C VAL A 74 -0.52 15.74 17.17
N LEU A 75 0.79 15.74 17.35
CA LEU A 75 1.40 15.28 18.57
C LEU A 75 1.65 16.54 19.39
N LEU A 76 1.01 16.65 20.54
CA LEU A 76 1.22 17.76 21.47
C LEU A 76 0.94 17.30 22.89
N HIS A 77 1.93 17.32 23.76
CA HIS A 77 1.75 16.92 25.17
C HIS A 77 1.18 18.11 25.97
N PRO A 78 0.26 17.84 26.90
CA PRO A 78 -0.37 19.00 27.54
C PRO A 78 0.56 19.91 28.36
N THR A 79 1.73 19.42 28.76
CA THR A 79 2.70 20.29 29.41
C THR A 79 3.16 21.48 28.52
N SER A 80 3.07 21.34 27.18
CA SER A 80 3.50 22.37 26.27
C SER A 80 2.50 23.50 26.08
N PHE A 81 1.28 23.37 26.61
CA PHE A 81 0.31 24.44 26.47
C PHE A 81 0.83 25.70 27.15
N ARG A 82 0.41 26.85 26.66
CA ARG A 82 0.71 28.16 27.29
C ARG A 82 -0.03 28.33 28.60
N GLY A 83 0.42 29.31 29.38
CA GLY A 83 -0.24 29.67 30.61
C GLY A 83 0.73 30.13 31.68
N PRO A 84 0.20 30.69 32.77
CA PRO A 84 0.97 31.44 33.77
C PRO A 84 1.68 30.64 34.87
N HIS A 85 1.43 29.33 34.98
CA HIS A 85 1.86 28.53 36.15
C HIS A 85 3.00 27.56 35.91
N GLY A 86 3.86 27.87 34.95
CA GLY A 86 5.13 27.16 34.80
C GLY A 86 5.06 25.91 33.98
N ILE A 87 3.86 25.52 33.58
CA ILE A 87 3.66 24.27 32.86
C ILE A 87 2.26 24.30 32.30
N GLY A 88 2.05 23.63 31.17
CA GLY A 88 0.69 23.49 30.60
C GLY A 88 -0.26 22.69 31.47
N ASP A 89 -1.56 22.85 31.28
CA ASP A 89 -2.51 22.10 32.08
C ASP A 89 -3.81 21.74 31.32
N LEU A 90 -4.72 21.09 32.00
CA LEU A 90 -5.96 20.60 31.38
C LEU A 90 -7.07 21.64 31.46
N GLY A 91 -6.69 22.91 31.54
CA GLY A 91 -7.64 23.98 31.56
C GLY A 91 -8.00 24.44 30.16
N GLU A 92 -8.23 25.74 30.05
CA GLU A 92 -8.77 26.37 28.85
C GLU A 92 -7.91 26.14 27.59
N GLU A 93 -6.59 26.09 27.70
CA GLU A 93 -5.78 25.83 26.49
C GLU A 93 -6.05 24.47 25.87
N ALA A 94 -6.40 23.47 26.67
CA ALA A 94 -6.68 22.13 26.12
C ALA A 94 -7.95 22.14 25.23
N PHE A 95 -8.95 22.90 25.65
CA PHE A 95 -10.19 23.03 24.90
C PHE A 95 -10.00 23.89 23.67
N ARG A 96 -9.23 24.98 23.78
CA ARG A 96 -8.90 25.77 22.62
C ARG A 96 -8.09 24.93 21.60
N PHE A 97 -7.17 24.10 22.08
CA PHE A 97 -6.38 23.30 21.15
C PHE A 97 -7.29 22.35 20.34
N ILE A 98 -8.23 21.73 21.03
CA ILE A 98 -9.18 20.82 20.41
C ILE A 98 -10.01 21.50 19.35
N ASP A 99 -10.47 22.72 19.63
CA ASP A 99 -11.14 23.52 18.61
C ASP A 99 -10.21 23.78 17.43
N TRP A 100 -8.97 24.16 17.67
CA TRP A 100 -8.09 24.48 16.57
C TRP A 100 -7.82 23.24 15.73
N LEU A 101 -7.57 22.13 16.41
CA LEU A 101 -7.28 20.85 15.77
C LEU A 101 -8.42 20.39 14.89
N HIS A 102 -9.62 20.47 15.42
CA HIS A 102 -10.79 20.21 14.61
C HIS A 102 -10.91 21.14 13.37
N SER A 103 -10.64 22.44 13.56
CA SER A 103 -10.64 23.37 12.43
C SER A 103 -9.64 22.97 11.33
N THR A 104 -8.56 22.25 11.66
CA THR A 104 -7.64 21.80 10.61
C THR A 104 -8.16 20.61 9.79
N GLY A 105 -9.17 19.91 10.29
CA GLY A 105 -9.60 18.64 9.70
C GLY A 105 -8.92 17.42 10.30
N CYS A 106 -7.95 17.61 11.19
CA CYS A 106 -7.34 16.47 11.91
C CYS A 106 -8.38 15.81 12.83
N SER A 107 -8.23 14.52 13.06
CA SER A 107 -9.14 13.79 13.92
C SER A 107 -8.42 12.96 14.99
N VAL A 108 -7.11 13.18 15.13
CA VAL A 108 -6.32 12.51 16.15
C VAL A 108 -5.43 13.51 16.88
N TRP A 109 -5.49 13.46 18.20
CA TRP A 109 -4.53 14.11 19.08
C TRP A 109 -3.70 13.04 19.81
N GLN A 110 -2.40 13.07 19.60
CA GLN A 110 -1.50 12.18 20.33
C GLN A 110 -0.78 12.94 21.46
N VAL A 111 -0.73 12.31 22.65
CA VAL A 111 0.03 12.80 23.79
C VAL A 111 1.11 11.77 24.20
N LEU A 112 2.05 12.22 25.03
CA LEU A 112 3.01 11.33 25.66
C LEU A 112 2.30 10.73 26.87
N PRO A 113 2.91 9.74 27.53
CA PRO A 113 2.20 9.15 28.66
C PRO A 113 1.83 10.21 29.70
N LEU A 114 0.64 10.10 30.29
CA LEU A 114 0.14 11.05 31.23
C LEU A 114 0.43 10.71 32.68
N VAL A 115 1.32 9.76 32.92
CA VAL A 115 1.78 9.36 34.30
C VAL A 115 2.57 10.45 35.06
N PRO A 116 2.72 10.29 36.39
CA PRO A 116 3.62 11.17 37.11
C PRO A 116 5.05 10.94 36.68
N PRO A 117 5.71 11.96 36.14
CA PRO A 117 7.04 11.76 35.56
C PRO A 117 8.15 11.70 36.60
N ASP A 118 9.38 11.39 36.16
CA ASP A 118 10.53 11.47 37.05
C ASP A 118 10.87 12.94 37.30
N GLU A 119 11.91 13.19 38.10
CA GLU A 119 12.26 14.56 38.50
C GLU A 119 12.76 15.40 37.34
N GLY A 120 13.44 14.78 36.37
CA GLY A 120 13.78 15.44 35.10
C GLY A 120 12.61 15.75 34.16
N GLY A 121 11.41 15.28 34.47
CA GLY A 121 10.19 15.52 33.67
C GLY A 121 9.80 14.39 32.71
N SER A 122 10.57 13.30 32.68
CA SER A 122 10.34 12.24 31.68
C SER A 122 9.04 11.45 31.91
N PRO A 123 8.11 11.48 30.93
CA PRO A 123 6.91 10.66 31.05
C PRO A 123 7.16 9.19 30.82
N TYR A 124 8.39 8.80 30.42
CA TYR A 124 8.79 7.40 30.14
C TYR A 124 9.46 6.69 31.31
N ALA A 125 9.93 7.45 32.30
CA ALA A 125 10.40 6.90 33.57
C ALA A 125 9.46 7.38 34.69
N GLY A 126 8.16 7.14 34.51
CA GLY A 126 7.15 7.59 35.45
C GLY A 126 7.24 6.91 36.81
N GLN A 127 6.50 7.47 37.75
CA GLN A 127 6.56 7.02 39.14
C GLN A 127 5.52 5.95 39.42
N ASP A 128 4.55 5.84 38.52
CA ASP A 128 3.46 4.87 38.60
C ASP A 128 2.93 4.69 37.17
N ALA A 129 2.43 3.50 36.88
CA ALA A 129 2.01 3.23 35.51
C ALA A 129 0.58 3.67 35.26
N ASN A 130 -0.23 3.81 36.30
CA ASN A 130 -1.67 4.08 36.16
C ASN A 130 -2.16 5.43 36.64
N CYS A 131 -1.43 6.07 37.54
CA CYS A 131 -1.77 7.41 38.05
C CYS A 131 -1.63 8.50 36.98
N GLY A 132 -2.35 9.60 37.14
CA GLY A 132 -2.09 10.81 36.32
C GLY A 132 -1.13 11.81 36.94
N ASN A 133 -0.38 12.52 36.09
CA ASN A 133 0.51 13.58 36.49
C ASN A 133 -0.30 14.72 37.10
N THR A 134 -0.21 14.89 38.43
CA THR A 134 -1.03 15.89 39.10
C THR A 134 -0.61 17.32 38.77
N LEU A 135 0.62 17.52 38.30
CA LEU A 135 1.01 18.83 37.88
C LEU A 135 0.23 19.37 36.68
N LEU A 136 -0.49 18.51 35.98
CA LEU A 136 -1.39 18.91 34.87
C LEU A 136 -2.76 19.42 35.30
N ILE A 137 -3.06 19.30 36.59
CA ILE A 137 -4.30 19.83 37.10
C ILE A 137 -4.31 21.35 36.90
N SER A 138 -5.39 21.85 36.32
CA SER A 138 -5.61 23.29 36.15
C SER A 138 -6.05 23.92 37.45
N LEU A 139 -5.30 24.91 37.95
CA LEU A 139 -5.68 25.64 39.15
C LEU A 139 -6.95 26.43 38.94
N ASP A 140 -7.09 26.99 37.73
CA ASP A 140 -8.24 27.81 37.35
C ASP A 140 -9.51 26.95 37.29
N GLU A 141 -9.38 25.71 36.86
CA GLU A 141 -10.53 24.79 36.92
C GLU A 141 -10.92 24.45 38.35
N LEU A 142 -9.94 24.40 39.25
CA LEU A 142 -10.25 24.19 40.65
C LEU A 142 -11.04 25.37 41.23
N VAL A 143 -10.77 26.59 40.78
CA VAL A 143 -11.56 27.76 41.23
C VAL A 143 -13.03 27.58 40.86
N LYS A 144 -13.30 27.02 39.69
CA LYS A 144 -14.66 26.85 39.19
C LYS A 144 -15.41 25.77 39.93
N ASP A 145 -14.65 24.85 40.53
CA ASP A 145 -15.21 23.86 41.44
C ASP A 145 -15.38 24.37 42.86
N GLY A 146 -14.82 25.54 43.17
CA GLY A 146 -14.91 26.10 44.51
C GLY A 146 -13.87 25.55 45.45
N LEU A 147 -12.86 24.86 44.95
CA LEU A 147 -11.86 24.25 45.78
C LEU A 147 -10.68 25.19 46.01
N LEU A 148 -10.55 26.20 45.16
CA LEU A 148 -9.68 27.33 45.41
C LEU A 148 -10.51 28.59 45.20
N ILE A 149 -10.08 29.73 45.74
CA ILE A 149 -10.73 31.00 45.44
C ILE A 149 -9.77 31.80 44.57
N LYS A 150 -10.30 32.72 43.76
CA LYS A 150 -9.50 33.41 42.73
C LYS A 150 -8.24 34.08 43.30
N ASP A 151 -8.36 34.68 44.48
CA ASP A 151 -7.26 35.40 45.08
C ASP A 151 -6.11 34.51 45.59
N GLU A 152 -6.36 33.21 45.69
CA GLU A 152 -5.32 32.24 46.07
C GLU A 152 -4.42 31.85 44.90
N LEU A 153 -4.75 32.28 43.69
CA LEU A 153 -3.95 31.91 42.53
C LEU A 153 -2.65 32.68 42.59
N PRO A 154 -1.55 32.01 42.26
CA PRO A 154 -0.25 32.65 42.35
C PRO A 154 -0.05 33.67 41.26
N GLN A 155 0.89 34.57 41.51
CA GLN A 155 1.33 35.51 40.49
C GLN A 155 1.89 34.70 39.31
N PRO A 156 1.60 35.11 38.06
CA PRO A 156 2.18 34.41 36.90
C PRO A 156 3.70 34.30 36.93
N ILE A 157 4.25 33.26 36.33
CA ILE A 157 5.70 33.17 36.10
C ILE A 157 6.02 32.96 34.62
N ASP A 158 7.27 33.23 34.24
CA ASP A 158 7.69 33.20 32.85
C ASP A 158 7.62 31.80 32.25
N ALA A 159 6.99 31.76 31.08
CA ALA A 159 6.53 30.54 30.47
C ALA A 159 7.48 29.95 29.40
N ASP A 160 8.78 30.20 29.46
CA ASP A 160 9.59 29.87 28.28
C ASP A 160 9.64 28.35 28.09
N SER A 161 9.98 27.66 29.18
CA SER A 161 10.12 26.25 29.16
C SER A 161 9.69 25.70 30.49
N VAL A 162 9.23 24.45 30.52
CA VAL A 162 8.88 23.79 31.78
C VAL A 162 10.14 23.47 32.60
N ASN A 163 10.24 24.08 33.75
CA ASN A 163 11.13 23.61 34.78
C ASN A 163 10.23 22.88 35.76
N TYR A 164 10.41 21.56 35.89
CA TYR A 164 9.49 20.74 36.70
C TYR A 164 9.59 21.03 38.21
N GLN A 165 10.80 21.38 38.68
CA GLN A 165 10.99 21.76 40.08
C GLN A 165 10.21 23.05 40.39
N THR A 166 10.35 24.06 39.53
CA THR A 166 9.64 25.34 39.69
C THR A 166 8.13 25.10 39.65
N ALA A 167 7.66 24.23 38.77
CA ALA A 167 6.24 24.03 38.59
C ALA A 167 5.63 23.37 39.80
N ASN A 168 6.36 22.38 40.30
CA ASN A 168 5.96 21.66 41.50
C ASN A 168 5.90 22.62 42.68
N LYS A 169 6.95 23.41 42.91
CA LYS A 169 7.01 24.37 44.07
C LYS A 169 5.84 25.32 44.03
N LEU A 170 5.51 25.82 42.84
CA LEU A 170 4.41 26.77 42.67
C LEU A 170 2.98 26.18 42.80
N LYS A 171 2.76 25.01 42.24
CA LYS A 171 1.39 24.49 42.08
C LYS A 171 0.96 23.50 43.17
N SER A 172 1.89 22.70 43.64
CA SER A 172 1.57 21.60 44.57
C SER A 172 0.95 22.03 45.90
N PRO A 173 1.45 23.14 46.49
CA PRO A 173 0.77 23.58 47.72
C PRO A 173 -0.71 23.83 47.48
N LEU A 174 -1.04 24.35 46.30
CA LEU A 174 -2.40 24.74 46.00
C LEU A 174 -3.24 23.54 45.61
N ILE A 175 -2.66 22.60 44.88
CA ILE A 175 -3.34 21.34 44.59
C ILE A 175 -3.64 20.63 45.91
N THR A 176 -2.66 20.53 46.80
CA THR A 176 -2.90 19.95 48.12
C THR A 176 -4.05 20.66 48.86
N LYS A 177 -4.06 21.98 48.81
CA LYS A 177 -5.07 22.79 49.49
C LYS A 177 -6.46 22.50 48.94
N ALA A 178 -6.55 22.40 47.62
CA ALA A 178 -7.82 22.06 46.96
C ALA A 178 -8.29 20.66 47.31
N ALA A 179 -7.34 19.73 47.33
CA ALA A 179 -7.63 18.34 47.67
C ALA A 179 -8.13 18.25 49.13
N LYS A 180 -7.48 19.01 50.02
CA LYS A 180 -7.93 19.14 51.41
C LYS A 180 -9.37 19.62 51.53
N ARG A 181 -9.72 20.67 50.77
CA ARG A 181 -11.08 21.19 50.86
C ARG A 181 -12.08 20.18 50.31
N LEU A 182 -11.70 19.48 49.24
CA LEU A 182 -12.57 18.45 48.68
C LEU A 182 -12.96 17.41 49.73
N ILE A 183 -11.97 16.89 50.44
CA ILE A 183 -12.20 15.78 51.35
C ILE A 183 -13.03 16.21 52.56
N ASP A 184 -12.81 17.44 53.02
CA ASP A 184 -13.54 17.99 54.19
C ASP A 184 -14.98 18.41 53.88
N GLY A 185 -15.35 18.47 52.60
CA GLY A 185 -16.73 18.81 52.23
C GLY A 185 -17.64 17.60 52.27
N ASN A 186 -18.94 17.81 52.07
CA ASN A 186 -19.89 16.69 52.02
C ASN A 186 -21.05 16.96 51.05
N GLY A 187 -20.73 17.51 49.87
CA GLY A 187 -21.70 17.71 48.80
C GLY A 187 -21.50 16.80 47.60
N GLU A 188 -21.95 17.27 46.43
CA GLU A 188 -21.91 16.53 45.16
C GLU A 188 -20.51 16.04 44.82
N LEU A 189 -19.55 16.93 45.03
CA LEU A 189 -18.18 16.68 44.61
C LEU A 189 -17.56 15.58 45.48
N LYS A 190 -17.76 15.69 46.80
CA LYS A 190 -17.34 14.65 47.73
C LYS A 190 -17.99 13.28 47.35
N SER A 191 -19.25 13.33 46.96
CA SER A 191 -19.96 12.13 46.58
C SER A 191 -19.36 11.46 45.33
N LYS A 192 -18.95 12.29 44.37
CA LYS A 192 -18.28 11.80 43.16
C LYS A 192 -16.90 11.22 43.45
N LEU A 193 -16.23 11.78 44.46
CA LEU A 193 -14.95 11.23 44.93
C LEU A 193 -15.14 9.81 45.47
N LEU A 194 -16.21 9.59 46.23
CA LEU A 194 -16.52 8.27 46.77
C LEU A 194 -16.81 7.30 45.66
N ASP A 195 -17.62 7.72 44.70
CA ASP A 195 -17.89 6.87 43.52
C ASP A 195 -16.58 6.45 42.82
N PHE A 196 -15.70 7.42 42.61
CA PHE A 196 -14.39 7.20 42.01
C PHE A 196 -13.61 6.17 42.80
N ARG A 197 -13.54 6.41 44.10
CA ARG A 197 -12.69 5.66 45.04
C ARG A 197 -13.14 4.21 45.23
N ASN A 198 -14.44 4.06 45.46
CA ASN A 198 -15.06 2.74 45.66
C ASN A 198 -15.22 1.91 44.39
N ASP A 199 -14.97 2.53 43.23
CA ASP A 199 -15.09 1.87 41.93
C ASP A 199 -14.10 0.73 41.86
N PRO A 200 -14.58 -0.49 41.56
CA PRO A 200 -13.64 -1.63 41.52
C PRO A 200 -12.48 -1.42 40.51
N SER A 201 -12.77 -0.86 39.33
CA SER A 201 -11.72 -0.64 38.30
C SER A 201 -10.77 0.55 38.54
N ILE A 202 -11.02 1.31 39.61
CA ILE A 202 -10.05 2.31 40.06
C ILE A 202 -9.15 1.70 41.15
N SER A 203 -9.78 1.03 42.12
CA SER A 203 -9.06 0.60 43.32
C SER A 203 -8.02 -0.51 43.07
N CYS A 204 -8.18 -1.30 42.01
CA CYS A 204 -7.24 -2.39 41.71
C CYS A 204 -5.86 -1.88 41.37
N TRP A 205 -5.76 -0.60 41.02
CA TRP A 205 -4.44 0.08 40.98
C TRP A 205 -4.28 1.25 41.98
N LEU A 206 -5.36 1.91 42.36
CA LEU A 206 -5.24 3.17 43.09
C LEU A 206 -4.76 2.95 44.52
N GLU A 207 -5.38 2.02 45.24
CA GLU A 207 -4.98 1.76 46.63
C GLU A 207 -3.49 1.36 46.74
N ASP A 208 -3.03 0.42 45.92
CA ASP A 208 -1.60 0.05 45.93
C ASP A 208 -0.73 1.27 45.68
N ALA A 209 -1.13 2.10 44.70
CA ALA A 209 -0.39 3.31 44.37
C ALA A 209 -0.31 4.30 45.55
N ALA A 210 -1.42 4.49 46.26
CA ALA A 210 -1.46 5.42 47.39
C ALA A 210 -0.56 4.96 48.56
N TYR A 211 -0.66 3.68 48.93
CA TYR A 211 0.10 3.13 50.04
C TYR A 211 1.59 3.21 49.71
N PHE A 212 1.94 2.79 48.49
CA PHE A 212 3.34 2.85 48.09
C PHE A 212 3.86 4.27 48.32
N ALA A 213 3.10 5.25 47.84
CA ALA A 213 3.53 6.66 47.92
C ALA A 213 3.59 7.17 49.39
N ALA A 214 2.63 6.78 50.24
CA ALA A 214 2.71 7.06 51.70
C ALA A 214 4.00 6.52 52.35
N ILE A 215 4.31 5.27 52.08
CA ILE A 215 5.49 4.68 52.67
C ILE A 215 6.75 5.36 52.12
N ASP A 216 6.77 5.66 50.82
CA ASP A 216 7.92 6.36 50.26
C ASP A 216 8.15 7.74 50.91
N ASN A 217 7.03 8.37 51.27
CA ASN A 217 7.01 9.68 51.91
C ASN A 217 7.62 9.64 53.31
N THR A 218 7.08 8.72 54.12
CA THR A 218 7.50 8.46 55.51
C THR A 218 8.92 7.93 55.70
N LEU A 219 9.38 7.08 54.80
CA LEU A 219 10.69 6.45 54.95
C LEU A 219 11.71 7.15 54.11
N ASN A 220 12.92 7.23 54.63
CA ASN A 220 14.06 7.76 53.91
C ASN A 220 14.85 6.61 53.34
N ALA A 221 14.45 6.17 52.14
CA ALA A 221 15.08 5.02 51.51
C ALA A 221 15.18 5.21 50.02
N TYR A 222 16.24 4.64 49.45
CA TYR A 222 16.52 4.78 48.04
C TYR A 222 15.39 4.14 47.26
N SER A 223 15.27 2.82 47.43
CA SER A 223 14.19 2.04 46.84
C SER A 223 13.48 1.22 47.92
N TRP A 224 12.42 0.49 47.52
CA TRP A 224 11.62 -0.32 48.46
C TRP A 224 12.38 -1.59 48.87
N PHE A 225 13.42 -1.95 48.10
CA PHE A 225 14.39 -3.01 48.45
C PHE A 225 15.10 -2.72 49.76
N GLU A 226 15.33 -1.44 50.06
CA GLU A 226 15.91 -1.02 51.34
C GLU A 226 14.87 -0.74 52.45
N TRP A 227 13.58 -0.98 52.22
CA TRP A 227 12.57 -0.75 53.26
C TRP A 227 12.70 -1.80 54.36
N PRO A 228 12.22 -1.49 55.57
CA PRO A 228 12.14 -2.60 56.56
C PRO A 228 11.22 -3.73 56.06
N GLU A 229 11.60 -4.97 56.39
CA GLU A 229 10.93 -6.21 55.94
C GLU A 229 9.39 -6.22 55.87
N PRO A 230 8.67 -5.82 56.94
CA PRO A 230 7.19 -5.88 56.83
C PRO A 230 6.58 -4.85 55.89
N LEU A 231 7.28 -3.75 55.61
CA LEU A 231 6.82 -2.86 54.55
C LEU A 231 7.27 -3.35 53.19
N LYS A 232 8.56 -3.69 53.06
CA LYS A 232 9.12 -4.29 51.85
C LYS A 232 8.24 -5.38 51.31
N ASN A 233 7.87 -6.32 52.17
CA ASN A 233 7.07 -7.51 51.81
C ASN A 233 5.60 -7.44 52.22
N ARG A 234 5.09 -6.22 52.43
CA ARG A 234 3.65 -5.99 52.54
C ARG A 234 2.93 -6.90 53.51
N HIS A 235 3.46 -7.00 54.72
CA HIS A 235 2.75 -7.75 55.78
C HIS A 235 1.44 -6.99 56.00
N LEU A 236 0.33 -7.72 56.09
CA LEU A 236 -1.00 -7.13 56.20
C LEU A 236 -1.08 -6.16 57.35
N SER A 237 -0.61 -6.54 58.53
CA SER A 237 -0.79 -5.64 59.70
C SER A 237 0.04 -4.36 59.52
N ALA A 238 1.24 -4.46 58.92
CA ALA A 238 2.06 -3.27 58.64
C ALA A 238 1.35 -2.30 57.72
N LEU A 239 0.70 -2.85 56.68
CA LEU A 239 -0.14 -2.07 55.77
C LEU A 239 -1.31 -1.40 56.47
N GLU A 240 -1.98 -2.10 57.37
CA GLU A 240 -2.99 -1.44 58.19
C GLU A 240 -2.37 -0.34 59.10
N ALA A 241 -1.17 -0.61 59.63
CA ALA A 241 -0.46 0.38 60.45
C ALA A 241 -0.01 1.59 59.61
N ILE A 242 0.23 1.36 58.32
CA ILE A 242 0.48 2.46 57.40
C ILE A 242 -0.80 3.23 57.17
N TYR A 243 -1.92 2.55 56.98
CA TYR A 243 -3.16 3.29 56.72
C TYR A 243 -3.48 4.21 57.88
N GLU A 244 -3.39 3.68 59.10
CA GLU A 244 -3.68 4.47 60.29
C GLU A 244 -2.71 5.64 60.52
N SER A 245 -1.42 5.41 60.33
CA SER A 245 -0.42 6.43 60.68
C SER A 245 -0.21 7.43 59.56
N GLN A 246 -0.62 7.07 58.35
CA GLN A 246 -0.49 7.95 57.19
C GLN A 246 -1.83 8.18 56.50
N LYS A 247 -2.95 8.00 57.21
CA LYS A 247 -4.28 8.20 56.63
C LYS A 247 -4.43 9.51 55.86
N GLU A 248 -3.97 10.63 56.39
CA GLU A 248 -4.24 11.87 55.67
C GLU A 248 -3.52 11.97 54.33
N PHE A 249 -2.27 11.49 54.27
CA PHE A 249 -1.52 11.47 53.02
C PHE A 249 -2.17 10.56 51.97
N ILE A 250 -2.65 9.40 52.42
CA ILE A 250 -3.37 8.46 51.56
C ILE A 250 -4.70 9.02 50.99
N ASP A 251 -5.48 9.68 51.83
CA ASP A 251 -6.69 10.31 51.36
C ASP A 251 -6.38 11.46 50.39
N LEU A 252 -5.30 12.20 50.62
CA LEU A 252 -5.00 13.34 49.74
C LEU A 252 -4.47 12.87 48.37
N PHE A 253 -3.67 11.82 48.38
CA PHE A 253 -3.19 11.22 47.19
C PHE A 253 -4.34 10.75 46.33
N ILE A 254 -5.27 10.06 46.96
CA ILE A 254 -6.44 9.59 46.25
C ILE A 254 -7.26 10.77 45.72
N ALA A 255 -7.46 11.79 46.55
CA ALA A 255 -8.23 12.97 46.12
C ALA A 255 -7.59 13.62 44.88
N LYS A 256 -6.26 13.70 44.86
CA LYS A 256 -5.58 14.35 43.74
C LYS A 256 -5.74 13.55 42.45
N GLN A 257 -5.72 12.23 42.57
CA GLN A 257 -5.97 11.40 41.42
C GLN A 257 -7.39 11.59 40.92
N PHE A 258 -8.32 11.87 41.82
CA PHE A 258 -9.71 12.11 41.40
C PHE A 258 -9.77 13.40 40.61
N LEU A 259 -9.03 14.41 41.05
CA LEU A 259 -9.07 15.72 40.41
C LEU A 259 -8.49 15.61 38.99
N PHE A 260 -7.44 14.82 38.83
CA PHE A 260 -6.84 14.63 37.53
C PHE A 260 -7.83 13.92 36.61
N GLN A 261 -8.38 12.83 37.09
CA GLN A 261 -9.42 12.08 36.36
C GLN A 261 -10.55 12.98 35.90
N ARG A 262 -11.00 13.84 36.80
CA ARG A 262 -12.12 14.73 36.48
C ARG A 262 -11.78 15.61 35.32
N GLN A 263 -10.61 16.23 35.39
CA GLN A 263 -10.20 17.22 34.39
C GLN A 263 -9.84 16.53 33.08
N TRP A 264 -9.14 15.41 33.15
CA TRP A 264 -8.85 14.63 31.93
C TRP A 264 -10.10 14.12 31.22
N GLN A 265 -11.07 13.61 31.98
CA GLN A 265 -12.31 13.11 31.36
C GLN A 265 -13.14 14.20 30.75
N LYS A 266 -13.08 15.43 31.28
CA LYS A 266 -13.77 16.52 30.55
C LYS A 266 -13.07 16.92 29.25
N VAL A 267 -11.74 16.90 29.22
CA VAL A 267 -10.99 17.13 28.00
C VAL A 267 -11.38 16.06 26.99
N ARG A 268 -11.40 14.82 27.43
CA ARG A 268 -11.67 13.67 26.54
C ARG A 268 -13.12 13.71 25.98
N GLU A 269 -14.08 14.12 26.81
CA GLU A 269 -15.47 14.27 26.34
C GLU A 269 -15.60 15.42 25.33
N TYR A 270 -14.83 16.48 25.52
CA TYR A 270 -14.89 17.59 24.56
C TYR A 270 -14.18 17.20 23.26
N ALA A 271 -13.11 16.42 23.36
CA ALA A 271 -12.48 15.89 22.13
C ALA A 271 -13.47 15.01 21.35
N ARG A 272 -14.18 14.12 22.04
CA ARG A 272 -15.15 13.27 21.37
C ARG A 272 -16.22 14.10 20.65
N ARG A 273 -16.73 15.13 21.32
CA ARG A 273 -17.71 16.00 20.67
C ARG A 273 -17.18 16.68 19.41
N GLN A 274 -15.88 16.98 19.36
CA GLN A 274 -15.29 17.65 18.19
C GLN A 274 -14.70 16.71 17.18
N GLY A 275 -14.94 15.42 17.37
CA GLY A 275 -14.51 14.45 16.39
C GLY A 275 -13.03 14.11 16.50
N VAL A 276 -12.46 14.25 17.69
CA VAL A 276 -11.03 14.01 17.90
C VAL A 276 -10.82 12.81 18.79
N ASP A 277 -10.09 11.82 18.26
CA ASP A 277 -9.63 10.68 19.04
C ASP A 277 -8.32 11.07 19.68
N ILE A 278 -8.09 10.54 20.87
CA ILE A 278 -6.88 10.79 21.58
C ILE A 278 -6.08 9.49 21.66
N MET A 279 -4.84 9.59 21.20
CA MET A 279 -3.91 8.49 21.21
C MET A 279 -2.89 8.75 22.31
N GLY A 280 -2.87 7.82 23.27
CA GLY A 280 -1.87 7.78 24.34
C GLY A 280 -0.64 6.97 24.00
N ASP A 281 0.20 6.80 25.02
CA ASP A 281 1.51 6.15 24.89
C ASP A 281 1.81 5.45 26.24
N MET A 282 2.52 4.34 26.18
CA MET A 282 2.93 3.64 27.41
C MET A 282 4.19 2.85 27.13
N PRO A 283 5.17 3.00 28.01
CA PRO A 283 6.34 2.14 27.88
C PRO A 283 6.03 0.69 28.23
N ILE A 284 6.60 -0.24 27.48
CA ILE A 284 6.34 -1.66 27.74
C ILE A 284 6.67 -2.02 29.19
N TYR A 285 7.80 -1.53 29.70
CA TYR A 285 8.30 -1.86 31.05
C TYR A 285 8.00 -0.75 32.02
N VAL A 286 7.83 -1.11 33.30
CA VAL A 286 7.56 -0.13 34.38
C VAL A 286 8.79 -0.01 35.28
N GLY A 287 8.82 0.98 36.18
CA GLY A 287 10.00 1.20 37.07
C GLY A 287 10.04 0.25 38.28
N TYR A 288 11.25 -0.14 38.70
CA TYR A 288 11.41 -1.05 39.88
C TYR A 288 10.84 -0.45 41.13
N HIS A 289 11.26 0.78 41.44
CA HIS A 289 10.70 1.51 42.58
C HIS A 289 9.29 2.06 42.28
N SER A 290 8.29 1.20 42.30
CA SER A 290 6.92 1.61 42.02
C SER A 290 5.97 0.66 42.69
N ALA A 291 4.72 1.08 42.85
CA ALA A 291 3.66 0.17 43.29
C ALA A 291 3.43 -1.02 42.33
N ASP A 292 3.58 -0.77 41.04
CA ASP A 292 3.31 -1.77 40.05
C ASP A 292 4.13 -3.03 40.38
N VAL A 293 5.39 -2.85 40.78
CA VAL A 293 6.28 -3.98 41.07
C VAL A 293 6.20 -4.46 42.50
N TRP A 294 6.24 -3.50 43.41
CA TRP A 294 6.14 -3.75 44.85
C TRP A 294 4.90 -4.56 45.23
N ALA A 295 3.73 -4.20 44.68
CA ALA A 295 2.44 -4.85 45.02
C ALA A 295 2.09 -6.07 44.15
N ASN A 296 3.02 -6.49 43.30
CA ASN A 296 2.80 -7.60 42.38
C ASN A 296 4.11 -8.36 42.15
N LYS A 297 4.88 -8.61 43.20
CA LYS A 297 6.27 -9.06 43.00
C LYS A 297 6.34 -10.32 42.15
N LYS A 298 5.34 -11.19 42.31
CA LYS A 298 5.35 -12.50 41.67
C LYS A 298 5.17 -12.39 40.16
N HIS A 299 4.76 -11.22 39.68
CA HIS A 299 4.63 -10.97 38.23
C HIS A 299 5.95 -10.54 37.59
N PHE A 300 6.98 -10.31 38.40
CA PHE A 300 8.29 -9.91 37.91
C PHE A 300 9.39 -10.89 38.28
N LEU A 301 10.47 -10.85 37.52
CA LEU A 301 11.63 -11.70 37.76
C LEU A 301 12.48 -11.10 38.87
N LEU A 302 12.06 -11.33 40.10
CA LEU A 302 12.81 -10.91 41.27
C LEU A 302 13.42 -12.14 41.95
N ASN A 303 14.49 -11.94 42.70
CA ASN A 303 15.04 -13.00 43.55
C ASN A 303 14.29 -13.06 44.87
N LYS A 304 14.63 -14.04 45.70
CA LYS A 304 13.93 -14.27 46.98
C LYS A 304 13.91 -13.02 47.90
N LYS A 305 14.96 -12.20 47.83
CA LYS A 305 15.02 -10.94 48.58
C LYS A 305 14.34 -9.78 47.84
N GLY A 306 13.66 -10.06 46.73
CA GLY A 306 12.95 -9.02 45.97
C GLY A 306 13.75 -8.11 45.04
N PHE A 307 14.99 -8.49 44.73
CA PHE A 307 15.82 -7.73 43.80
C PHE A 307 15.73 -8.37 42.41
N PRO A 308 15.72 -7.55 41.35
CA PRO A 308 15.61 -8.14 40.02
C PRO A 308 16.73 -9.09 39.68
N LEU A 309 16.39 -10.28 39.19
CA LEU A 309 17.40 -11.20 38.70
C LEU A 309 17.94 -10.66 37.39
N LEU A 310 17.03 -10.16 36.55
CA LEU A 310 17.34 -9.71 35.21
C LEU A 310 16.67 -8.35 34.96
N VAL A 311 17.36 -7.49 34.19
CA VAL A 311 16.79 -6.21 33.82
C VAL A 311 16.82 -5.95 32.31
N SER A 312 16.03 -4.97 31.88
CA SER A 312 15.85 -4.69 30.48
C SER A 312 17.04 -4.02 29.80
N GLY A 313 17.03 -4.08 28.47
CA GLY A 313 17.96 -3.32 27.61
C GLY A 313 17.91 -3.80 26.16
N VAL A 314 18.92 -3.41 25.37
CA VAL A 314 19.14 -3.96 24.04
C VAL A 314 20.64 -4.13 23.80
N PRO A 315 21.02 -5.11 22.96
CA PRO A 315 22.43 -5.41 22.67
C PRO A 315 23.15 -4.36 21.77
N PRO A 316 24.47 -4.55 21.53
CA PRO A 316 25.30 -3.62 20.72
C PRO A 316 24.82 -3.34 19.28
N GLY A 323 26.31 -1.77 24.52
CA GLY A 323 24.89 -1.78 24.17
C GLY A 323 24.14 -0.68 24.92
N GLN A 324 22.84 -0.92 25.16
CA GLN A 324 22.01 -0.03 25.95
C GLN A 324 21.36 -0.74 27.13
N LEU A 325 21.72 -0.30 28.34
CA LEU A 325 21.25 -0.90 29.58
C LEU A 325 20.19 -0.01 30.22
N TRP A 326 18.91 -0.30 29.94
CA TRP A 326 17.81 0.51 30.48
C TRP A 326 17.58 0.25 31.97
N GLY A 327 17.81 -0.98 32.39
CA GLY A 327 17.74 -1.32 33.81
C GLY A 327 16.38 -1.49 34.44
N SER A 328 15.33 -1.60 33.64
CA SER A 328 14.01 -1.87 34.17
C SER A 328 13.86 -3.34 34.53
N PRO A 329 13.02 -3.63 35.53
CA PRO A 329 12.79 -5.03 35.89
C PRO A 329 12.02 -5.68 34.76
N LEU A 330 11.97 -7.01 34.70
CA LEU A 330 11.37 -7.71 33.59
C LEU A 330 10.16 -8.48 34.07
N TYR A 331 9.23 -8.77 33.16
CA TYR A 331 8.00 -9.48 33.52
C TYR A 331 8.24 -10.97 33.62
N ASP A 332 7.59 -11.62 34.57
CA ASP A 332 7.59 -13.10 34.62
C ASP A 332 6.40 -13.59 33.80
N TRP A 333 6.62 -13.65 32.49
CA TRP A 333 5.52 -13.93 31.57
C TRP A 333 4.86 -15.30 31.81
N LYS A 334 5.66 -16.31 32.16
CA LYS A 334 5.13 -17.63 32.47
C LYS A 334 4.16 -17.54 33.63
N ALA A 335 4.61 -16.93 34.71
CA ALA A 335 3.76 -16.62 35.84
C ALA A 335 2.47 -15.86 35.44
N MET A 336 2.60 -14.80 34.66
CA MET A 336 1.42 -14.02 34.23
C MET A 336 0.46 -14.88 33.41
N GLU A 337 1.03 -15.77 32.62
CA GLU A 337 0.23 -16.71 31.84
C GLU A 337 -0.74 -17.44 32.77
N SER A 338 -0.28 -17.82 33.97
CA SER A 338 -1.12 -18.53 34.94
C SER A 338 -2.44 -17.86 35.28
N ASP A 339 -2.39 -16.56 35.60
CA ASP A 339 -3.61 -15.85 35.98
C ASP A 339 -4.20 -15.08 34.77
N GLN A 340 -3.98 -15.63 33.58
CA GLN A 340 -4.51 -15.07 32.36
C GLN A 340 -4.07 -13.61 32.19
N TYR A 341 -2.80 -13.34 32.47
CA TYR A 341 -2.21 -12.02 32.26
C TYR A 341 -3.02 -10.87 32.92
N SER A 342 -3.56 -11.09 34.12
CA SER A 342 -4.43 -10.10 34.80
C SER A 342 -3.78 -8.75 35.03
N TRP A 343 -2.48 -8.73 35.29
CA TRP A 343 -1.77 -7.45 35.47
C TRP A 343 -1.81 -6.59 34.17
N TRP A 344 -1.46 -7.21 33.05
CA TRP A 344 -1.47 -6.53 31.78
C TRP A 344 -2.88 -6.20 31.34
N VAL A 345 -3.82 -7.09 31.64
CA VAL A 345 -5.22 -6.77 31.35
C VAL A 345 -5.63 -5.51 32.09
N ASN A 346 -5.29 -5.40 33.36
CA ASN A 346 -5.61 -4.20 34.14
C ASN A 346 -4.92 -2.97 33.55
N ARG A 347 -3.66 -3.10 33.15
CA ARG A 347 -2.95 -1.94 32.64
C ARG A 347 -3.66 -1.37 31.43
N ILE A 348 -4.14 -2.24 30.56
CA ILE A 348 -4.86 -1.83 29.34
C ILE A 348 -6.24 -1.28 29.62
N ARG A 349 -6.92 -1.83 30.62
CA ARG A 349 -8.21 -1.31 31.01
C ARG A 349 -8.07 0.17 31.38
N ARG A 350 -7.01 0.50 32.14
CA ARG A 350 -6.77 1.85 32.54
C ARG A 350 -6.36 2.69 31.33
N ALA A 351 -5.49 2.17 30.43
CA ALA A 351 -5.16 2.89 29.19
C ALA A 351 -6.41 3.24 28.35
N GLN A 352 -7.34 2.31 28.31
CA GLN A 352 -8.63 2.51 27.66
C GLN A 352 -9.57 3.56 28.31
N ASP A 353 -9.47 3.68 29.62
CA ASP A 353 -10.14 4.73 30.38
C ASP A 353 -9.58 6.11 30.06
N LEU A 354 -8.29 6.17 29.79
CA LEU A 354 -7.64 7.42 29.49
C LEU A 354 -7.63 7.77 27.98
N TYR A 355 -7.51 6.77 27.12
CA TYR A 355 -7.30 7.00 25.67
C TYR A 355 -8.21 6.20 24.73
N ASP A 356 -8.49 6.72 23.55
CA ASP A 356 -9.15 5.95 22.49
C ASP A 356 -8.21 4.88 21.89
N GLU A 357 -6.93 5.23 21.78
CA GLU A 357 -5.92 4.39 21.16
C GLU A 357 -4.65 4.57 21.95
N CYS A 358 -3.73 3.63 21.85
CA CYS A 358 -2.56 3.69 22.63
C CYS A 358 -1.39 3.06 21.91
N ARG A 359 -0.31 3.80 21.81
CA ARG A 359 0.95 3.20 21.34
C ARG A 359 1.68 2.50 22.47
N ILE A 360 2.40 1.43 22.16
CA ILE A 360 3.25 0.78 23.16
C ILE A 360 4.69 0.85 22.71
N ASP A 361 5.54 1.49 23.51
CA ASP A 361 6.97 1.67 23.20
C ASP A 361 7.69 0.32 23.34
N HIS A 362 8.64 0.05 22.48
CA HIS A 362 9.35 -1.22 22.47
C HIS A 362 8.41 -2.41 22.43
N PHE A 363 7.43 -2.33 21.54
CA PHE A 363 6.51 -3.42 21.27
C PHE A 363 7.20 -4.76 20.99
N ARG A 364 8.42 -4.72 20.45
CA ARG A 364 9.13 -5.94 20.09
C ARG A 364 9.31 -6.89 21.27
N GLY A 365 9.32 -6.31 22.48
CA GLY A 365 9.40 -7.04 23.72
C GLY A 365 8.33 -8.09 23.96
N PHE A 366 7.21 -7.97 23.27
CA PHE A 366 6.17 -8.94 23.40
C PHE A 366 6.50 -10.27 22.68
N ALA A 367 7.40 -10.22 21.70
CA ALA A 367 7.83 -11.43 20.97
C ALA A 367 9.17 -11.95 21.47
N GLY A 368 10.09 -11.03 21.74
CA GLY A 368 11.38 -11.39 22.30
C GLY A 368 12.01 -10.18 22.99
N PHE A 369 12.70 -10.41 24.11
CA PHE A 369 13.28 -9.32 24.88
C PHE A 369 14.69 -9.60 25.37
N TRP A 370 15.48 -8.55 25.46
CA TRP A 370 16.84 -8.64 25.90
C TRP A 370 16.85 -8.60 27.41
N ALA A 371 17.53 -9.57 28.01
CA ALA A 371 17.59 -9.73 29.46
C ALA A 371 19.04 -9.76 29.94
N VAL A 372 19.37 -8.84 30.85
CA VAL A 372 20.74 -8.62 31.37
C VAL A 372 20.75 -8.94 32.87
N PRO A 373 21.77 -9.70 33.34
CA PRO A 373 21.89 -9.96 34.79
C PRO A 373 22.05 -8.65 35.56
N SER A 374 21.22 -8.45 36.58
CA SER A 374 21.13 -7.15 37.26
C SER A 374 22.44 -6.66 37.91
N GLU A 375 23.36 -7.59 38.19
CA GLU A 375 24.70 -7.22 38.66
C GLU A 375 25.42 -6.31 37.65
N ALA A 376 25.22 -6.56 36.36
CA ALA A 376 26.05 -6.01 35.28
C ALA A 376 26.09 -4.48 35.18
N LYS A 377 27.20 -3.99 34.62
CA LYS A 377 27.43 -2.56 34.40
C LYS A 377 27.12 -2.14 32.98
N VAL A 378 27.12 -3.09 32.05
CA VAL A 378 26.76 -2.82 30.64
C VAL A 378 25.89 -3.96 30.05
N ALA A 379 25.16 -3.62 28.97
CA ALA A 379 24.17 -4.51 28.36
C ALA A 379 24.73 -5.69 27.55
N MET A 380 25.97 -5.61 27.10
CA MET A 380 26.50 -6.63 26.17
C MET A 380 26.41 -8.11 26.66
N VAL A 381 26.26 -8.36 27.96
CA VAL A 381 26.31 -9.76 28.49
C VAL A 381 24.94 -10.40 28.79
N GLY A 382 23.97 -10.13 27.93
CA GLY A 382 22.60 -10.67 28.10
C GLY A 382 22.26 -11.79 27.15
N ARG A 383 21.02 -12.28 27.23
CA ARG A 383 20.46 -13.24 26.27
C ARG A 383 19.02 -12.83 25.87
N TRP A 384 18.60 -13.24 24.68
CA TRP A 384 17.23 -13.00 24.24
C TRP A 384 16.31 -14.04 24.81
N LYS A 385 15.15 -13.58 25.28
CA LYS A 385 14.16 -14.46 25.84
C LYS A 385 12.85 -14.41 25.07
N VAL A 386 12.12 -15.51 25.09
CA VAL A 386 10.86 -15.64 24.38
C VAL A 386 9.77 -14.85 25.12
N GLY A 387 9.03 -14.03 24.37
CA GLY A 387 7.93 -13.24 24.94
C GLY A 387 6.60 -13.95 24.82
N PRO A 388 5.54 -13.35 25.36
CA PRO A 388 4.23 -14.01 25.42
C PRO A 388 3.55 -14.22 24.08
N GLY A 389 3.87 -13.38 23.11
CA GLY A 389 3.21 -13.46 21.82
C GLY A 389 1.73 -13.14 21.89
N LYS A 390 1.01 -13.62 20.88
CA LYS A 390 -0.42 -13.30 20.70
C LYS A 390 -1.31 -13.70 21.86
N SER A 391 -0.91 -14.71 22.61
CA SER A 391 -1.74 -15.17 23.69
C SER A 391 -1.99 -14.02 24.69
N LEU A 392 -1.01 -13.15 24.91
CA LEU A 392 -1.21 -11.92 25.71
C LEU A 392 -2.38 -11.05 25.19
N PHE A 393 -2.36 -10.80 23.88
CA PHE A 393 -3.37 -10.00 23.21
C PHE A 393 -4.73 -10.68 23.08
N ASP A 394 -4.74 -11.99 22.98
CA ASP A 394 -5.98 -12.74 23.13
C ASP A 394 -6.61 -12.43 24.50
N ALA A 395 -5.83 -12.55 25.56
CA ALA A 395 -6.34 -12.33 26.91
C ALA A 395 -6.86 -10.92 27.12
N ILE A 396 -6.12 -9.95 26.60
CA ILE A 396 -6.55 -8.55 26.66
C ILE A 396 -7.91 -8.34 26.01
N SER A 397 -8.06 -8.81 24.79
CA SER A 397 -9.26 -8.56 24.04
C SER A 397 -10.46 -9.22 24.66
N LYS A 398 -10.26 -10.40 25.21
CA LYS A 398 -11.30 -11.11 25.93
C LYS A 398 -11.73 -10.37 27.21
N GLY A 399 -10.76 -9.72 27.87
CA GLY A 399 -11.01 -9.02 29.14
C GLY A 399 -11.53 -7.60 29.01
N VAL A 400 -11.16 -6.90 27.93
CA VAL A 400 -11.47 -5.48 27.80
C VAL A 400 -12.23 -5.12 26.49
N GLY A 401 -12.31 -6.07 25.55
CA GLY A 401 -12.98 -5.84 24.29
C GLY A 401 -12.00 -5.49 23.18
N LYS A 402 -12.50 -4.84 22.14
CA LYS A 402 -11.68 -4.43 21.02
C LYS A 402 -10.80 -3.25 21.43
N ILE A 403 -9.52 -3.37 21.10
CA ILE A 403 -8.46 -2.42 21.46
C ILE A 403 -7.79 -1.85 20.23
N LYS A 404 -7.37 -0.60 20.32
CA LYS A 404 -6.60 0.02 19.25
C LYS A 404 -5.17 0.36 19.71
N ILE A 405 -4.26 -0.55 19.38
CA ILE A 405 -2.90 -0.50 19.83
C ILE A 405 -1.99 -0.13 18.66
N ILE A 406 -1.01 0.71 18.90
CA ILE A 406 -0.03 1.07 17.88
C ILE A 406 1.29 0.50 18.31
N ALA A 407 2.02 -0.16 17.43
CA ALA A 407 3.31 -0.76 17.79
C ALA A 407 4.46 0.18 17.46
N GLU A 408 5.19 0.68 18.47
CA GLU A 408 6.49 1.32 18.19
C GLU A 408 7.41 0.18 17.81
N ASP A 409 7.89 0.21 16.58
CA ASP A 409 8.65 -0.88 16.01
C ASP A 409 9.89 -0.34 15.25
N LEU A 410 10.51 0.71 15.80
CA LEU A 410 11.69 1.33 15.18
C LEU A 410 12.96 0.50 15.40
N GLY A 411 13.99 0.76 14.60
CA GLY A 411 15.26 0.04 14.73
C GLY A 411 15.23 -1.38 14.18
N VAL A 412 16.25 -2.15 14.52
CA VAL A 412 16.35 -3.52 14.04
C VAL A 412 15.34 -4.39 14.76
N ILE A 413 14.49 -5.06 13.98
CA ILE A 413 13.50 -5.95 14.54
C ILE A 413 13.51 -7.27 13.76
N THR A 414 13.17 -8.34 14.48
CA THR A 414 13.16 -9.69 13.95
C THR A 414 11.79 -10.10 13.39
N LYS A 415 11.78 -11.21 12.65
CA LYS A 415 10.61 -11.62 11.85
C LYS A 415 9.42 -11.93 12.73
N ASP A 416 9.69 -12.41 13.94
CA ASP A 416 8.59 -12.69 14.89
C ASP A 416 7.88 -11.41 15.34
N VAL A 417 8.59 -10.30 15.37
CA VAL A 417 7.98 -9.02 15.72
C VAL A 417 6.96 -8.63 14.70
N VAL A 418 7.38 -8.65 13.44
CA VAL A 418 6.52 -8.26 12.34
C VAL A 418 5.30 -9.19 12.31
N GLU A 419 5.57 -10.48 12.43
CA GLU A 419 4.52 -11.48 12.41
C GLU A 419 3.56 -11.26 13.59
N LEU A 420 4.08 -10.96 14.77
CA LEU A 420 3.19 -10.71 15.90
C LEU A 420 2.33 -9.45 15.68
N ARG A 421 2.98 -8.37 15.26
CA ARG A 421 2.29 -7.11 14.98
C ARG A 421 1.13 -7.32 13.97
N LYS A 422 1.42 -8.03 12.88
CA LYS A 422 0.41 -8.29 11.87
C LYS A 422 -0.70 -9.19 12.33
N SER A 423 -0.39 -10.17 13.20
CA SER A 423 -1.41 -11.09 13.69
C SER A 423 -2.48 -10.41 14.57
N ILE A 424 -2.13 -9.36 15.27
CA ILE A 424 -3.13 -8.63 16.05
C ILE A 424 -3.69 -7.40 15.30
N GLY A 425 -3.21 -7.17 14.09
CA GLY A 425 -3.71 -6.08 13.29
C GLY A 425 -3.20 -4.72 13.68
N ALA A 426 -2.13 -4.65 14.46
CA ALA A 426 -1.61 -3.36 14.90
C ALA A 426 -0.71 -2.69 13.83
N PRO A 427 -0.93 -1.37 13.58
CA PRO A 427 -0.06 -0.63 12.71
C PRO A 427 1.26 -0.38 13.37
N GLY A 428 2.31 -0.35 12.56
CA GLY A 428 3.59 0.09 12.98
C GLY A 428 3.81 1.52 12.56
N MET A 429 5.09 1.91 12.51
CA MET A 429 5.47 3.30 12.31
C MET A 429 6.42 3.53 11.16
N ALA A 430 6.31 4.70 10.55
CA ALA A 430 7.32 5.19 9.65
C ALA A 430 7.61 6.61 10.10
N VAL A 431 8.87 7.00 10.02
CA VAL A 431 9.34 8.29 10.42
C VAL A 431 10.16 8.89 9.29
N LEU A 432 9.63 9.94 8.66
CA LEU A 432 10.27 10.49 7.47
C LEU A 432 11.71 10.95 7.67
N GLN A 433 12.06 11.40 8.88
CA GLN A 433 13.44 11.83 9.17
C GLN A 433 14.48 10.71 9.08
N PHE A 434 14.02 9.46 9.09
CA PHE A 434 14.89 8.28 9.02
C PHE A 434 14.99 7.72 7.62
N ALA A 435 14.32 8.36 6.67
CA ALA A 435 14.13 7.77 5.35
C ALA A 435 15.27 7.97 4.35
N PHE A 436 16.24 8.82 4.63
CA PHE A 436 17.17 9.25 3.58
C PHE A 436 18.61 8.77 3.76
N GLY A 437 18.83 7.92 4.76
CA GLY A 437 20.06 7.18 4.88
C GLY A 437 19.84 5.88 4.14
N GLY A 438 20.93 5.25 3.73
CA GLY A 438 20.82 3.99 3.04
C GLY A 438 20.22 4.18 1.68
N GLY A 439 19.57 3.11 1.21
CA GLY A 439 19.06 3.04 -0.16
C GLY A 439 17.54 3.11 -0.26
N ALA A 440 17.03 2.75 -1.43
CA ALA A 440 15.64 2.86 -1.76
C ALA A 440 14.75 1.78 -1.14
N ASP A 441 15.35 0.78 -0.49
CA ASP A 441 14.60 -0.15 0.37
C ASP A 441 14.36 0.35 1.81
N ASN A 442 14.82 1.55 2.16
CA ASN A 442 14.54 2.11 3.47
C ASN A 442 13.03 2.17 3.73
N PRO A 443 12.53 1.47 4.77
CA PRO A 443 11.06 1.33 4.94
C PRO A 443 10.38 2.62 5.36
N HIS A 444 11.17 3.67 5.63
CA HIS A 444 10.61 4.97 5.93
C HIS A 444 10.40 5.85 4.71
N LEU A 445 10.95 5.44 3.58
CA LEU A 445 10.59 6.10 2.33
C LEU A 445 9.08 5.90 1.99
N PRO A 446 8.38 6.97 1.56
CA PRO A 446 6.95 6.86 1.27
C PRO A 446 6.55 5.73 0.33
N HIS A 447 7.34 5.46 -0.72
CA HIS A 447 6.96 4.37 -1.62
C HIS A 447 7.02 2.97 -0.97
N ASN A 448 7.61 2.86 0.22
CA ASN A 448 7.64 1.61 0.96
C ASN A 448 6.67 1.61 2.14
N HIS A 449 5.87 2.68 2.31
CA HIS A 449 4.87 2.70 3.35
C HIS A 449 3.74 1.70 3.09
N GLU A 450 3.03 1.36 4.16
CA GLU A 450 1.90 0.44 4.15
C GLU A 450 0.69 1.20 4.59
N VAL A 451 -0.48 0.62 4.34
CA VAL A 451 -1.75 1.26 4.72
C VAL A 451 -1.96 1.24 6.20
N ASN A 452 -1.77 0.08 6.81
CA ASN A 452 -1.91 -0.10 8.24
C ASN A 452 -0.63 0.34 8.97
N GLN A 453 -0.46 1.64 9.07
CA GLN A 453 0.75 2.22 9.55
C GLN A 453 0.46 3.65 9.96
N VAL A 454 1.26 4.13 10.91
CA VAL A 454 1.28 5.51 11.28
C VAL A 454 2.58 6.16 10.77
N VAL A 455 2.44 7.17 9.92
CA VAL A 455 3.56 7.94 9.46
C VAL A 455 3.71 9.23 10.27
N TYR A 456 4.91 9.45 10.79
CA TYR A 456 5.30 10.70 11.44
C TYR A 456 6.35 11.43 10.61
N SER A 457 6.35 12.76 10.69
CA SER A 457 7.53 13.55 10.29
C SER A 457 8.70 13.23 11.16
N GLY A 458 8.45 13.24 12.46
CA GLY A 458 9.40 12.83 13.49
C GLY A 458 8.58 12.62 14.76
N THR A 459 9.20 12.08 15.80
CA THR A 459 8.60 11.98 17.10
C THR A 459 9.23 12.96 18.11
N HIS A 460 8.72 12.92 19.33
CA HIS A 460 9.31 13.65 20.45
C HIS A 460 10.80 13.34 20.72
N ASP A 461 11.31 12.22 20.22
CA ASP A 461 12.75 11.87 20.41
C ASP A 461 13.68 12.43 19.33
N ASN A 462 13.09 13.01 18.30
CA ASN A 462 13.83 13.54 17.16
C ASN A 462 13.84 15.03 17.30
N ASP A 463 14.79 15.66 16.62
CA ASP A 463 14.77 17.09 16.46
C ASP A 463 13.54 17.44 15.61
N THR A 464 13.18 18.71 15.62
CA THR A 464 12.18 19.20 14.67
C THR A 464 12.72 19.05 13.27
N ILE A 465 11.80 19.11 12.29
CA ILE A 465 12.21 19.03 10.89
C ILE A 465 13.21 20.12 10.55
N ARG A 466 12.92 21.36 10.95
CA ARG A 466 13.90 22.46 10.75
C ARG A 466 15.26 22.17 11.38
N GLY A 467 15.28 21.72 12.63
CA GLY A 467 16.55 21.42 13.28
C GLY A 467 17.33 20.30 12.61
N TRP A 468 16.61 19.24 12.29
CA TRP A 468 17.16 18.07 11.61
C TRP A 468 17.73 18.50 10.26
N TRP A 469 16.99 19.32 9.52
CA TRP A 469 17.44 19.81 8.23
C TRP A 469 18.75 20.56 8.38
N ASP A 470 18.87 21.42 9.40
CA ASP A 470 20.10 22.20 9.62
C ASP A 470 21.33 21.38 9.85
N THR A 471 21.20 20.21 10.46
CA THR A 471 22.40 19.44 10.78
C THR A 471 22.52 18.26 9.87
N LEU A 472 21.62 18.15 8.92
CA LEU A 472 21.61 17.01 8.05
C LEU A 472 22.89 16.89 7.20
N ASP A 473 23.33 15.63 7.11
CA ASP A 473 24.45 15.14 6.30
C ASP A 473 24.26 15.49 4.82
N GLN A 474 25.31 15.95 4.14
CA GLN A 474 25.16 16.39 2.75
C GLN A 474 24.59 15.28 1.83
N GLU A 475 25.10 14.06 1.98
CA GLU A 475 24.61 12.89 1.24
C GLU A 475 23.10 12.69 1.43
N GLU A 476 22.65 12.80 2.69
CA GLU A 476 21.23 12.63 3.01
C GLU A 476 20.39 13.80 2.51
N LYS A 477 20.95 15.01 2.54
CA LYS A 477 20.19 16.21 2.09
C LYS A 477 19.86 16.19 0.59
N SER A 478 20.86 15.88 -0.24
CA SER A 478 20.67 15.80 -1.69
C SER A 478 19.67 14.71 -2.01
N LYS A 479 19.75 13.58 -1.29
CA LYS A 479 18.78 12.52 -1.50
C LYS A 479 17.36 13.03 -1.16
N ALA A 480 17.25 13.74 -0.04
CA ALA A 480 15.94 14.23 0.41
C ALA A 480 15.33 15.19 -0.59
N MET A 481 16.16 16.05 -1.17
CA MET A 481 15.70 17.02 -2.17
C MET A 481 15.17 16.42 -3.47
N LYS A 482 15.71 15.24 -3.84
CA LYS A 482 15.20 14.49 -4.98
C LYS A 482 13.84 13.91 -4.73
N TYR A 483 13.59 13.48 -3.51
CA TYR A 483 12.41 12.77 -3.21
C TYR A 483 11.26 13.71 -2.77
N LEU A 484 11.60 14.77 -2.04
CA LEU A 484 10.60 15.70 -1.50
C LEU A 484 10.40 16.89 -2.43
N SER A 485 9.32 17.60 -2.17
CA SER A 485 8.99 18.78 -2.96
C SER A 485 9.29 20.02 -2.09
N ILE A 486 10.45 20.60 -2.31
CA ILE A 486 10.97 21.64 -1.45
C ILE A 486 10.94 22.99 -2.15
N ALA A 487 10.40 23.99 -1.45
CA ALA A 487 10.42 25.38 -1.91
C ALA A 487 11.57 26.09 -1.19
N GLY A 488 11.27 27.07 -0.34
CA GLY A 488 12.30 27.67 0.48
C GLY A 488 12.60 26.81 1.69
N GLU A 489 13.87 26.77 2.10
CA GLU A 489 14.29 26.03 3.27
C GLU A 489 13.59 26.47 4.58
N ASP A 490 13.09 27.69 4.65
CA ASP A 490 12.25 28.14 5.81
C ASP A 490 10.94 27.36 5.97
N ASP A 491 10.54 26.69 4.88
CA ASP A 491 9.24 26.07 4.75
C ASP A 491 9.48 24.57 4.70
N ILE A 492 10.71 24.15 5.02
CA ILE A 492 11.09 22.74 4.94
C ILE A 492 10.17 21.84 5.78
N SER A 493 9.72 22.31 6.92
CA SER A 493 8.75 21.50 7.69
C SER A 493 7.48 21.20 6.93
N TRP A 494 7.00 22.13 6.11
CA TRP A 494 5.79 21.88 5.32
C TRP A 494 6.04 20.92 4.15
N SER A 495 7.26 20.89 3.65
CA SER A 495 7.58 19.92 2.60
C SER A 495 7.45 18.53 3.15
N VAL A 496 7.94 18.33 4.37
CA VAL A 496 7.95 17.02 5.00
C VAL A 496 6.53 16.66 5.43
N ILE A 497 5.80 17.66 5.96
CA ILE A 497 4.41 17.44 6.33
C ILE A 497 3.63 16.97 5.13
N GLN A 498 3.85 17.58 3.98
CA GLN A 498 3.15 17.21 2.80
C GLN A 498 3.48 15.78 2.39
N ALA A 499 4.75 15.38 2.45
CA ALA A 499 5.09 14.01 2.11
C ALA A 499 4.36 13.04 3.04
N ALA A 500 4.28 13.37 4.31
CA ALA A 500 3.60 12.52 5.26
C ALA A 500 2.11 12.38 4.89
N PHE A 501 1.47 13.50 4.57
CA PHE A 501 0.08 13.46 4.21
C PHE A 501 -0.12 12.73 2.89
N SER A 502 0.87 12.75 2.00
CA SER A 502 0.69 12.15 0.69
C SER A 502 0.87 10.63 0.72
N SER A 503 1.36 10.07 1.82
CA SER A 503 1.54 8.62 1.97
C SER A 503 0.22 7.85 1.91
N THR A 504 0.32 6.58 1.54
CA THR A 504 -0.74 5.62 1.67
C THR A 504 -1.00 5.22 3.11
N ALA A 505 -0.11 5.58 4.03
CA ALA A 505 -0.33 5.23 5.43
C ALA A 505 -1.65 5.84 5.94
N GLN A 506 -2.39 5.04 6.66
CA GLN A 506 -3.73 5.42 7.01
C GLN A 506 -3.72 6.64 7.94
N THR A 507 -2.73 6.72 8.82
CA THR A 507 -2.68 7.79 9.82
C THR A 507 -1.38 8.57 9.72
N ALA A 508 -1.48 9.89 9.56
CA ALA A 508 -0.31 10.77 9.56
C ALA A 508 -0.35 11.74 10.75
N ILE A 509 0.72 11.72 11.54
CA ILE A 509 0.83 12.53 12.75
C ILE A 509 2.03 13.49 12.68
N ILE A 510 1.76 14.74 12.97
CA ILE A 510 2.76 15.79 12.92
C ILE A 510 2.91 16.45 14.28
N PRO A 511 4.14 16.61 14.78
CA PRO A 511 4.35 17.35 16.04
C PRO A 511 4.02 18.83 15.89
N MET A 512 3.45 19.39 16.92
CA MET A 512 3.09 20.80 16.87
C MET A 512 4.28 21.70 16.49
N GLN A 513 5.49 21.36 16.93
CA GLN A 513 6.68 22.14 16.63
C GLN A 513 6.90 22.35 15.13
N ASP A 514 6.59 21.33 14.33
CA ASP A 514 6.77 21.39 12.91
C ASP A 514 5.69 22.19 12.24
N ILE A 515 4.48 22.19 12.78
CA ILE A 515 3.43 23.06 12.26
C ILE A 515 3.79 24.51 12.50
N LEU A 516 4.45 24.77 13.63
CA LEU A 516 4.93 26.10 13.95
C LEU A 516 6.23 26.42 13.29
N GLY A 517 6.83 25.45 12.63
CA GLY A 517 8.04 25.68 11.87
C GLY A 517 9.23 26.07 12.73
N LEU A 518 9.35 25.47 13.90
CA LEU A 518 10.39 25.81 14.84
C LEU A 518 11.64 24.95 14.69
N GLY A 519 12.77 25.50 15.15
CA GLY A 519 14.06 24.86 15.08
C GLY A 519 14.43 24.09 16.33
N SER A 520 15.70 23.76 16.44
CA SER A 520 16.18 22.79 17.43
C SER A 520 15.90 23.14 18.87
N SER A 521 15.67 24.40 19.18
CA SER A 521 15.43 24.75 20.57
C SER A 521 14.10 24.20 21.03
N ALA A 522 13.21 23.89 20.09
CA ALA A 522 11.92 23.30 20.46
C ALA A 522 11.91 21.76 20.47
N ARG A 523 13.07 21.13 20.34
CA ARG A 523 13.15 19.69 20.51
C ARG A 523 12.67 19.24 21.90
N MET A 524 11.82 18.22 21.91
CA MET A 524 11.19 17.76 23.14
C MET A 524 12.17 16.91 23.92
N ASN A 525 12.73 15.89 23.28
CA ASN A 525 13.69 15.03 23.96
C ASN A 525 14.89 14.66 23.07
N THR A 526 16.09 14.58 23.68
CA THR A 526 17.32 14.06 23.07
C THR A 526 17.70 12.80 23.86
N PRO A 527 17.56 11.59 23.29
CA PRO A 527 17.86 10.39 24.11
C PRO A 527 19.28 10.37 24.60
N ALA A 528 19.49 9.74 25.73
CA ALA A 528 20.84 9.60 26.31
C ALA A 528 21.48 10.94 26.63
N THR A 529 20.65 11.95 26.87
CA THR A 529 21.01 13.06 27.75
C THR A 529 20.01 13.02 28.90
N GLU A 530 20.38 13.55 30.04
CA GLU A 530 19.56 13.45 31.24
C GLU A 530 18.97 14.78 31.66
N VAL A 531 19.34 15.88 31.00
CA VAL A 531 18.92 17.21 31.42
C VAL A 531 18.47 18.02 30.22
N GLY A 532 17.54 18.93 30.44
CA GLY A 532 17.07 19.82 29.38
C GLY A 532 16.00 19.22 28.46
N ASN A 533 15.38 18.11 28.88
CA ASN A 533 14.31 17.47 28.14
C ASN A 533 12.94 17.73 28.72
N TRP A 534 11.93 17.54 27.87
CA TRP A 534 10.51 17.50 28.27
C TRP A 534 9.99 18.91 28.57
N GLY A 535 10.77 19.91 28.18
CA GLY A 535 10.54 21.28 28.62
C GLY A 535 9.77 22.19 27.67
N TRP A 536 9.68 21.81 26.40
CA TRP A 536 9.12 22.69 25.38
C TRP A 536 7.70 23.15 25.67
N ARG A 537 7.46 24.44 25.45
CA ARG A 537 6.13 25.00 25.52
C ARG A 537 5.90 25.82 24.27
N ILE A 538 4.65 25.83 23.82
CA ILE A 538 4.22 26.76 22.77
C ILE A 538 4.60 28.19 23.21
N PRO A 539 5.34 28.95 22.37
CA PRO A 539 5.63 30.37 22.64
C PRO A 539 4.43 31.14 23.17
N SER A 540 4.66 31.92 24.20
CA SER A 540 3.61 32.56 25.00
C SER A 540 2.70 33.48 24.22
N SER A 541 3.16 34.03 23.10
CA SER A 541 2.33 34.91 22.28
C SER A 541 1.63 34.19 21.11
N THR A 542 1.85 32.89 20.96
CA THR A 542 1.27 32.16 19.84
C THR A 542 -0.01 31.47 20.29
N SER A 543 -1.13 32.17 20.23
CA SER A 543 -2.39 31.60 20.60
C SER A 543 -2.98 30.85 19.43
N PHE A 544 -3.99 30.00 19.71
CA PHE A 544 -4.67 29.27 18.65
C PHE A 544 -5.49 30.17 17.73
N ASP A 545 -5.98 31.26 18.28
CA ASP A 545 -6.57 32.32 17.50
C ASP A 545 -5.64 32.86 16.41
N ASN A 546 -4.34 32.80 16.63
CA ASN A 546 -3.37 33.32 15.68
C ASN A 546 -2.82 32.28 14.76
N LEU A 547 -3.49 31.14 14.62
CA LEU A 547 -2.97 30.09 13.79
C LEU A 547 -3.94 29.67 12.72
N GLU A 548 -4.78 30.60 12.24
CA GLU A 548 -5.71 30.29 11.15
C GLU A 548 -4.99 29.95 9.85
N THR A 549 -3.90 30.64 9.57
CA THR A 549 -3.17 30.41 8.34
C THR A 549 -2.67 28.98 8.32
N GLU A 550 -2.10 28.56 9.43
CA GLU A 550 -1.58 27.21 9.55
C GLU A 550 -2.70 26.16 9.47
N SER A 551 -3.83 26.47 10.07
CA SER A 551 -4.98 25.59 10.00
C SER A 551 -5.50 25.41 8.58
N ASP A 552 -5.67 26.53 7.87
CA ASP A 552 -6.11 26.50 6.47
C ASP A 552 -5.11 25.69 5.60
N ARG A 553 -3.84 25.85 5.85
CA ARG A 553 -2.85 25.21 5.03
C ARG A 553 -2.87 23.69 5.27
N LEU A 554 -3.01 23.28 6.51
CA LEU A 554 -3.18 21.86 6.82
C LEU A 554 -4.42 21.30 6.16
N ARG A 555 -5.54 21.99 6.32
CA ARG A 555 -6.80 21.51 5.77
C ARG A 555 -6.72 21.28 4.23
N ASP A 556 -6.09 22.20 3.55
CA ASP A 556 -5.84 22.06 2.13
C ASP A 556 -5.05 20.81 1.78
N LEU A 557 -4.02 20.50 2.55
CA LEU A 557 -3.26 19.27 2.32
C LEU A 557 -4.09 18.02 2.61
N LEU A 558 -4.88 18.07 3.69
CA LEU A 558 -5.71 16.96 4.04
C LEU A 558 -6.75 16.69 2.98
N SER A 559 -7.30 17.77 2.43
CA SER A 559 -8.28 17.64 1.39
C SER A 559 -7.64 17.08 0.11
N LEU A 560 -6.47 17.56 -0.23
CA LEU A 560 -5.82 17.09 -1.45
C LEU A 560 -5.52 15.59 -1.35
N TYR A 561 -5.19 15.10 -0.17
CA TYR A 561 -4.76 13.72 -0.01
C TYR A 561 -5.80 12.84 0.69
N GLY A 562 -7.04 13.25 0.63
CA GLY A 562 -8.12 12.39 1.07
C GLY A 562 -8.10 12.01 2.53
N ARG A 563 -7.59 12.90 3.40
CA ARG A 563 -7.57 12.67 4.85
C ARG A 563 -8.62 13.43 5.69
N LEU A 564 -9.60 14.06 5.05
CA LEU A 564 -10.71 14.69 5.78
C LEU A 564 -11.86 13.70 5.97
N ILE B 47 11.80 -22.16 22.50
CA ILE B 47 10.44 -22.34 21.92
C ILE B 47 9.39 -22.48 23.04
N SER B 48 9.52 -21.64 24.07
CA SER B 48 8.65 -21.68 25.26
C SER B 48 8.74 -20.33 26.02
N VAL B 49 7.61 -19.84 26.54
CA VAL B 49 7.52 -18.48 27.10
C VAL B 49 8.45 -18.22 28.31
N GLY B 50 9.37 -17.28 28.17
CA GLY B 50 10.32 -16.95 29.23
C GLY B 50 11.69 -17.59 29.04
N GLU B 51 11.74 -18.65 28.22
CA GLU B 51 12.98 -19.40 27.97
C GLU B 51 13.89 -18.69 26.97
N ASP B 52 15.10 -19.21 26.84
CA ASP B 52 16.09 -18.59 25.96
C ASP B 52 15.84 -18.91 24.50
N PHE B 53 16.03 -17.90 23.64
CA PHE B 53 16.09 -18.11 22.19
C PHE B 53 17.50 -18.60 21.88
N PRO B 54 17.67 -19.31 20.76
CA PRO B 54 19.01 -19.68 20.28
C PRO B 54 19.99 -18.50 20.08
N SER B 55 21.27 -18.85 19.96
CA SER B 55 22.39 -17.90 19.83
C SER B 55 22.11 -16.74 18.85
N GLU B 56 21.66 -17.08 17.63
CA GLU B 56 21.61 -16.10 16.53
C GLU B 56 20.19 -15.54 16.27
N TYR B 57 19.57 -14.99 17.32
CA TYR B 57 18.23 -14.42 17.21
C TYR B 57 18.24 -13.14 16.37
N GLU B 58 19.19 -12.24 16.62
CA GLU B 58 19.23 -10.94 15.91
C GLU B 58 19.47 -11.03 14.40
N GLN B 59 19.87 -12.19 13.91
CA GLN B 59 20.03 -12.40 12.47
C GLN B 59 18.75 -12.89 11.82
N TRP B 60 17.75 -13.23 12.62
CA TRP B 60 16.44 -13.67 12.10
C TRP B 60 15.65 -12.44 11.61
N LEU B 61 16.19 -11.75 10.59
CA LEU B 61 15.65 -10.50 10.08
C LEU B 61 14.60 -10.73 8.99
N PRO B 62 13.67 -9.77 8.81
CA PRO B 62 12.73 -9.92 7.70
C PRO B 62 13.45 -9.94 6.36
N VAL B 63 12.92 -10.72 5.43
CA VAL B 63 13.50 -10.85 4.08
C VAL B 63 12.44 -10.42 3.06
N PRO B 64 12.83 -9.52 2.13
CA PRO B 64 11.83 -9.15 1.12
C PRO B 64 11.36 -10.40 0.37
N ASP B 65 10.05 -10.56 0.22
CA ASP B 65 9.49 -11.59 -0.63
C ASP B 65 9.83 -11.22 -2.10
N PRO B 66 10.51 -12.13 -2.84
CA PRO B 66 10.80 -11.84 -4.24
C PRO B 66 9.53 -11.63 -5.11
N GLU B 67 8.40 -12.23 -4.74
CA GLU B 67 7.14 -12.06 -5.46
C GLU B 67 6.62 -10.63 -5.34
N SER B 68 7.09 -9.91 -4.34
CA SER B 68 6.72 -8.52 -4.13
C SER B 68 7.69 -7.51 -4.76
N ARG B 69 8.67 -7.94 -5.56
CA ARG B 69 9.69 -7.04 -6.07
C ARG B 69 9.08 -5.89 -6.92
N ARG B 70 9.40 -4.65 -6.61
CA ARG B 70 8.90 -3.52 -7.39
C ARG B 70 9.66 -3.48 -8.70
N ARG B 71 8.97 -3.14 -9.77
CA ARG B 71 9.58 -3.14 -11.08
C ARG B 71 8.91 -2.11 -12.00
N ALA B 72 9.50 -1.95 -13.17
CA ALA B 72 8.98 -1.07 -14.19
C ALA B 72 9.17 -1.64 -15.56
N GLY B 73 8.42 -1.06 -16.49
CA GLY B 73 8.42 -1.54 -17.85
C GLY B 73 7.89 -0.57 -18.88
N VAL B 74 8.04 -0.97 -20.14
CA VAL B 74 7.62 -0.16 -21.27
C VAL B 74 6.57 -0.88 -22.11
N LEU B 75 5.57 -0.13 -22.58
CA LEU B 75 4.58 -0.63 -23.50
C LEU B 75 5.06 -0.24 -24.90
N LEU B 76 5.35 -1.23 -25.73
CA LEU B 76 5.78 -1.01 -27.11
C LEU B 76 5.41 -2.23 -27.96
N HIS B 77 4.52 -2.05 -28.93
CA HIS B 77 4.13 -3.15 -29.80
C HIS B 77 5.17 -3.35 -30.92
N PRO B 78 5.46 -4.60 -31.31
CA PRO B 78 6.59 -4.75 -32.24
C PRO B 78 6.40 -4.11 -33.61
N THR B 79 5.15 -3.87 -34.01
CA THR B 79 4.92 -3.16 -35.27
C THR B 79 5.56 -1.74 -35.30
N SER B 80 5.74 -1.12 -34.12
CA SER B 80 6.30 0.21 -34.01
C SER B 80 7.83 0.27 -34.16
N PHE B 81 8.54 -0.87 -34.21
CA PHE B 81 9.98 -0.83 -34.37
C PHE B 81 10.33 -0.21 -35.71
N ARG B 82 11.47 0.47 -35.79
CA ARG B 82 11.99 1.01 -37.06
C ARG B 82 12.42 -0.08 -37.96
N GLY B 83 12.63 0.25 -39.23
CA GLY B 83 13.17 -0.66 -40.17
C GLY B 83 12.66 -0.40 -41.58
N PRO B 84 13.29 -1.04 -42.58
CA PRO B 84 13.07 -0.83 -44.00
C PRO B 84 11.85 -1.45 -44.69
N HIS B 85 11.10 -2.34 -44.03
CA HIS B 85 10.08 -3.17 -44.70
C HIS B 85 8.64 -2.81 -44.38
N GLY B 86 8.39 -1.56 -44.01
CA GLY B 86 7.03 -1.04 -43.87
C GLY B 86 6.34 -1.28 -42.52
N ILE B 87 6.98 -2.02 -41.64
CA ILE B 87 6.36 -2.37 -40.36
C ILE B 87 7.48 -2.93 -39.53
N GLY B 88 7.38 -2.79 -38.21
CA GLY B 88 8.33 -3.43 -37.31
C GLY B 88 8.30 -4.95 -37.33
N ASP B 89 9.40 -5.59 -36.91
CA ASP B 89 9.45 -7.03 -36.92
C ASP B 89 10.25 -7.65 -35.79
N LEU B 90 10.32 -8.97 -35.76
CA LEU B 90 10.97 -9.70 -34.69
C LEU B 90 12.45 -9.92 -34.98
N GLY B 91 13.03 -8.98 -35.72
CA GLY B 91 14.49 -9.02 -36.00
C GLY B 91 15.36 -8.20 -35.07
N GLU B 92 16.38 -7.59 -35.68
CA GLU B 92 17.39 -6.83 -34.98
C GLU B 92 16.79 -5.76 -34.04
N GLU B 93 15.80 -5.01 -34.47
CA GLU B 93 15.28 -3.99 -33.57
C GLU B 93 14.68 -4.55 -32.28
N ALA B 94 14.07 -5.74 -32.31
CA ALA B 94 13.48 -6.32 -31.10
C ALA B 94 14.57 -6.64 -30.08
N PHE B 95 15.70 -7.14 -30.57
CA PHE B 95 16.83 -7.45 -29.72
C PHE B 95 17.47 -6.16 -29.20
N ARG B 96 17.62 -5.15 -30.04
CA ARG B 96 18.17 -3.86 -29.59
C ARG B 96 17.24 -3.18 -28.60
N PHE B 97 15.94 -3.28 -28.80
CA PHE B 97 15.02 -2.73 -27.82
C PHE B 97 15.22 -3.39 -26.45
N ILE B 98 15.33 -4.72 -26.43
CA ILE B 98 15.54 -5.48 -25.20
C ILE B 98 16.81 -5.09 -24.48
N ASP B 99 17.88 -4.90 -25.25
CA ASP B 99 19.12 -4.34 -24.67
C ASP B 99 18.88 -2.96 -24.09
N TRP B 100 18.18 -2.08 -24.79
CA TRP B 100 17.95 -0.72 -24.30
C TRP B 100 17.12 -0.78 -23.01
N LEU B 101 16.08 -1.60 -23.04
CA LEU B 101 15.16 -1.73 -21.94
C LEU B 101 15.90 -2.20 -20.71
N HIS B 102 16.73 -3.22 -20.87
CA HIS B 102 17.56 -3.71 -19.79
C HIS B 102 18.54 -2.63 -19.26
N SER B 103 19.13 -1.86 -20.16
CA SER B 103 19.97 -0.72 -19.76
C SER B 103 19.19 0.30 -18.90
N THR B 104 17.85 0.43 -19.07
CA THR B 104 17.11 1.38 -18.24
C THR B 104 16.89 0.87 -16.84
N GLY B 105 17.06 -0.44 -16.64
CA GLY B 105 16.66 -1.06 -15.39
C GLY B 105 15.25 -1.62 -15.40
N CYS B 106 14.47 -1.39 -16.46
CA CYS B 106 13.13 -2.01 -16.59
C CYS B 106 13.22 -3.53 -16.75
N SER B 107 12.21 -4.24 -16.27
CA SER B 107 12.22 -5.69 -16.30
C SER B 107 10.92 -6.27 -16.88
N VAL B 108 10.09 -5.40 -17.42
CA VAL B 108 8.90 -5.79 -18.13
C VAL B 108 8.75 -5.09 -19.46
N TRP B 109 8.43 -5.88 -20.45
CA TRP B 109 8.00 -5.41 -21.77
C TRP B 109 6.54 -5.82 -22.01
N GLN B 110 5.68 -4.85 -22.21
CA GLN B 110 4.26 -5.14 -22.55
C GLN B 110 4.01 -4.86 -24.04
N VAL B 111 3.33 -5.81 -24.71
CA VAL B 111 2.93 -5.69 -26.09
C VAL B 111 1.39 -5.75 -26.16
N LEU B 112 0.85 -5.44 -27.33
CA LEU B 112 -0.57 -5.60 -27.63
C LEU B 112 -0.70 -7.03 -28.10
N PRO B 113 -1.94 -7.53 -28.26
CA PRO B 113 -2.04 -8.89 -28.70
C PRO B 113 -1.23 -9.14 -29.99
N LEU B 114 -0.63 -10.32 -30.12
CA LEU B 114 0.18 -10.66 -31.27
C LEU B 114 -0.55 -11.40 -32.40
N VAL B 115 -1.88 -11.47 -32.33
CA VAL B 115 -2.73 -12.13 -33.33
C VAL B 115 -2.74 -11.46 -34.72
N PRO B 116 -3.25 -12.18 -35.76
CA PRO B 116 -3.38 -11.56 -37.07
C PRO B 116 -4.48 -10.53 -36.98
N PRO B 117 -4.13 -9.25 -37.23
CA PRO B 117 -5.08 -8.18 -37.00
C PRO B 117 -6.16 -8.06 -38.09
N ASP B 118 -7.14 -7.17 -37.90
CA ASP B 118 -8.06 -6.85 -38.97
C ASP B 118 -7.34 -6.01 -40.05
N GLU B 119 -8.07 -5.61 -41.11
CA GLU B 119 -7.48 -4.89 -42.24
C GLU B 119 -7.05 -3.46 -41.86
N GLY B 120 -7.75 -2.84 -40.92
CA GLY B 120 -7.29 -1.59 -40.31
C GLY B 120 -6.06 -1.67 -39.40
N GLY B 121 -5.57 -2.88 -39.10
CA GLY B 121 -4.41 -3.08 -38.23
C GLY B 121 -4.71 -3.37 -36.76
N SER B 122 -5.99 -3.44 -36.37
CA SER B 122 -6.32 -3.64 -34.95
C SER B 122 -5.94 -5.05 -34.42
N PRO B 123 -5.03 -5.11 -33.44
CA PRO B 123 -4.82 -6.35 -32.72
C PRO B 123 -5.96 -6.81 -31.82
N TYR B 124 -7.03 -6.03 -31.62
CA TYR B 124 -8.20 -6.39 -30.76
C TYR B 124 -9.41 -6.95 -31.54
N ALA B 125 -9.42 -6.76 -32.86
CA ALA B 125 -10.36 -7.43 -33.75
C ALA B 125 -9.59 -8.43 -34.64
N GLY B 126 -8.81 -9.30 -34.02
CA GLY B 126 -7.97 -10.23 -34.77
C GLY B 126 -8.76 -11.25 -35.54
N GLN B 127 -8.03 -11.94 -36.40
CA GLN B 127 -8.67 -12.93 -37.27
C GLN B 127 -8.70 -14.33 -36.64
N ASP B 128 -7.91 -14.52 -35.59
CA ASP B 128 -7.77 -15.76 -34.86
C ASP B 128 -7.24 -15.44 -33.49
N ALA B 129 -7.61 -16.22 -32.49
CA ALA B 129 -7.21 -15.90 -31.13
C ALA B 129 -5.83 -16.42 -30.78
N ASN B 130 -5.36 -17.45 -31.49
CA ASN B 130 -4.14 -18.17 -31.12
C ASN B 130 -2.98 -18.03 -32.07
N CYS B 131 -3.26 -17.72 -33.34
CA CYS B 131 -2.23 -17.53 -34.36
C CYS B 131 -1.39 -16.28 -34.13
N GLY B 132 -0.18 -16.24 -34.66
CA GLY B 132 0.61 -15.00 -34.66
C GLY B 132 0.47 -14.22 -35.95
N ASN B 133 0.58 -12.90 -35.86
CA ASN B 133 0.61 -12.00 -37.00
C ASN B 133 1.87 -12.28 -37.85
N THR B 134 1.70 -12.87 -39.02
CA THR B 134 2.86 -13.25 -39.82
C THR B 134 3.64 -12.05 -40.39
N LEU B 135 3.00 -10.88 -40.46
CA LEU B 135 3.70 -9.71 -40.94
C LEU B 135 4.80 -9.24 -40.02
N LEU B 136 4.84 -9.76 -38.79
CA LEU B 136 5.94 -9.50 -37.87
C LEU B 136 7.19 -10.35 -38.11
N ILE B 137 7.11 -11.34 -38.98
CA ILE B 137 8.27 -12.19 -39.29
C ILE B 137 9.37 -11.31 -39.89
N SER B 138 10.58 -11.43 -39.36
CA SER B 138 11.78 -10.71 -39.89
C SER B 138 12.30 -11.44 -41.08
N LEU B 139 12.36 -10.74 -42.21
CA LEU B 139 12.96 -11.32 -43.42
C LEU B 139 14.45 -11.65 -43.24
N ASP B 140 15.16 -10.77 -42.55
CA ASP B 140 16.61 -10.87 -42.32
C ASP B 140 16.93 -12.05 -41.39
N GLU B 141 16.02 -12.33 -40.44
CA GLU B 141 16.17 -13.56 -39.68
C GLU B 141 15.95 -14.81 -40.53
N LEU B 142 15.08 -14.74 -41.54
CA LEU B 142 14.88 -15.88 -42.43
C LEU B 142 16.19 -16.17 -43.23
N VAL B 143 16.94 -15.13 -43.56
CA VAL B 143 18.21 -15.31 -44.25
C VAL B 143 19.17 -16.15 -43.41
N LYS B 144 19.17 -15.91 -42.12
CA LYS B 144 20.06 -16.63 -41.19
C LYS B 144 19.68 -18.09 -40.99
N ASP B 145 18.41 -18.41 -41.27
CA ASP B 145 17.94 -19.79 -41.39
C ASP B 145 18.18 -20.44 -42.73
N GLY B 146 18.56 -19.66 -43.73
CA GLY B 146 18.77 -20.18 -45.08
C GLY B 146 17.49 -20.32 -45.87
N LEU B 147 16.39 -19.74 -45.40
CA LEU B 147 15.12 -19.84 -46.11
C LEU B 147 14.93 -18.71 -47.12
N LEU B 148 15.71 -17.64 -46.98
CA LEU B 148 15.84 -16.64 -48.03
C LEU B 148 17.34 -16.46 -48.22
N ILE B 149 17.75 -15.94 -49.37
CA ILE B 149 19.15 -15.56 -49.57
C ILE B 149 19.21 -14.03 -49.54
N LYS B 150 20.39 -13.49 -49.21
CA LYS B 150 20.56 -12.02 -48.99
C LYS B 150 20.03 -11.16 -50.13
N ASP B 151 20.30 -11.56 -51.36
CA ASP B 151 19.92 -10.74 -52.51
C ASP B 151 18.41 -10.79 -52.81
N GLU B 152 17.67 -11.67 -52.16
CA GLU B 152 16.23 -11.67 -52.28
C GLU B 152 15.53 -10.65 -51.38
N LEU B 153 16.24 -9.95 -50.52
CA LEU B 153 15.59 -8.92 -49.69
C LEU B 153 15.19 -7.71 -50.55
N PRO B 154 14.02 -7.14 -50.30
CA PRO B 154 13.54 -6.02 -51.11
C PRO B 154 14.28 -4.74 -50.78
N GLN B 155 14.22 -3.79 -51.72
CA GLN B 155 14.68 -2.43 -51.46
C GLN B 155 13.87 -1.82 -50.33
N PRO B 156 14.53 -1.03 -49.46
CA PRO B 156 13.79 -0.33 -48.38
C PRO B 156 12.62 0.53 -48.87
N ILE B 157 11.59 0.65 -48.04
CA ILE B 157 10.55 1.64 -48.30
C ILE B 157 10.45 2.60 -47.15
N ASP B 158 9.81 3.72 -47.38
CA ASP B 158 9.63 4.69 -46.34
C ASP B 158 8.26 4.41 -45.80
N ALA B 159 8.21 4.36 -44.48
CA ALA B 159 7.00 4.18 -43.79
C ALA B 159 7.21 4.79 -42.42
N ASP B 160 6.89 6.06 -42.33
CA ASP B 160 6.86 6.73 -41.04
C ASP B 160 5.73 6.21 -40.18
N SER B 161 4.76 5.56 -40.81
CA SER B 161 3.67 4.91 -40.10
C SER B 161 3.38 3.60 -40.81
N VAL B 162 2.87 2.61 -40.08
CA VAL B 162 2.50 1.35 -40.68
C VAL B 162 1.30 1.51 -41.61
N ASN B 163 1.51 1.23 -42.89
CA ASN B 163 0.42 0.94 -43.82
C ASN B 163 0.41 -0.57 -43.98
N TYR B 164 -0.65 -1.21 -43.52
CA TYR B 164 -0.75 -2.67 -43.53
C TYR B 164 -0.83 -3.30 -44.92
N GLN B 165 -1.52 -2.63 -45.84
CA GLN B 165 -1.62 -3.07 -47.23
C GLN B 165 -0.24 -3.05 -47.90
N THR B 166 0.51 -1.96 -47.75
CA THR B 166 1.85 -1.86 -48.30
C THR B 166 2.78 -2.92 -47.71
N ALA B 167 2.66 -3.17 -46.41
CA ALA B 167 3.53 -4.11 -45.73
C ALA B 167 3.30 -5.50 -46.23
N ASN B 168 2.02 -5.84 -46.36
CA ASN B 168 1.61 -7.14 -46.85
C ASN B 168 2.12 -7.36 -48.29
N LYS B 169 1.89 -6.39 -49.18
CA LYS B 169 2.34 -6.50 -50.57
C LYS B 169 3.84 -6.74 -50.67
N LEU B 170 4.62 -6.04 -49.85
CA LEU B 170 6.08 -6.17 -49.89
C LEU B 170 6.67 -7.45 -49.26
N LYS B 171 6.11 -7.88 -48.14
CA LYS B 171 6.71 -8.95 -47.33
C LYS B 171 6.14 -10.35 -47.58
N SER B 172 4.84 -10.43 -47.86
CA SER B 172 4.16 -11.71 -47.97
C SER B 172 4.68 -12.64 -49.07
N PRO B 173 5.01 -12.09 -50.25
CA PRO B 173 5.57 -13.00 -51.26
C PRO B 173 6.81 -13.68 -50.72
N LEU B 174 7.59 -12.97 -49.93
CA LEU B 174 8.87 -13.48 -49.46
C LEU B 174 8.68 -14.42 -48.29
N ILE B 175 7.74 -14.10 -47.39
CA ILE B 175 7.38 -15.03 -46.33
C ILE B 175 6.85 -16.34 -46.95
N THR B 176 5.98 -16.22 -47.92
CA THR B 176 5.51 -17.39 -48.61
C THR B 176 6.68 -18.22 -49.20
N LYS B 177 7.61 -17.52 -49.82
CA LYS B 177 8.75 -18.18 -50.49
C LYS B 177 9.63 -18.93 -49.47
N ALA B 178 9.88 -18.30 -48.33
CA ALA B 178 10.61 -18.94 -47.24
C ALA B 178 9.86 -20.17 -46.70
N ALA B 179 8.55 -20.03 -46.56
CA ALA B 179 7.70 -21.11 -46.04
C ALA B 179 7.69 -22.29 -47.03
N LYS B 180 7.62 -21.99 -48.31
CA LYS B 180 7.78 -23.01 -49.34
C LYS B 180 9.11 -23.74 -49.22
N ARG B 181 10.23 -23.02 -49.04
CA ARG B 181 11.54 -23.70 -48.97
C ARG B 181 11.64 -24.54 -47.73
N LEU B 182 11.08 -24.05 -46.64
CA LEU B 182 11.02 -24.87 -45.41
C LEU B 182 10.34 -26.23 -45.64
N ILE B 183 9.16 -26.25 -46.27
CA ILE B 183 8.37 -27.47 -46.37
C ILE B 183 9.00 -28.44 -47.40
N ASP B 184 9.65 -27.90 -48.43
CA ASP B 184 10.36 -28.73 -49.43
C ASP B 184 11.70 -29.31 -48.94
N GLY B 185 12.22 -28.85 -47.81
CA GLY B 185 13.46 -29.39 -47.26
C GLY B 185 13.22 -30.64 -46.43
N ASN B 186 14.29 -31.28 -45.97
CA ASN B 186 14.17 -32.47 -45.12
C ASN B 186 15.34 -32.62 -44.13
N GLY B 187 15.75 -31.49 -43.55
CA GLY B 187 16.75 -31.48 -42.49
C GLY B 187 16.19 -31.15 -41.11
N GLU B 188 17.04 -30.55 -40.26
CA GLU B 188 16.71 -30.17 -38.89
C GLU B 188 15.46 -29.31 -38.82
N LEU B 189 15.38 -28.34 -39.70
CA LEU B 189 14.36 -27.30 -39.63
C LEU B 189 13.00 -27.93 -39.97
N LYS B 190 12.98 -28.74 -41.03
CA LYS B 190 11.80 -29.48 -41.38
C LYS B 190 11.37 -30.38 -40.20
N SER B 191 12.34 -30.97 -39.53
CA SER B 191 12.06 -31.85 -38.41
C SER B 191 11.44 -31.10 -37.22
N LYS B 192 11.89 -29.88 -37.01
CA LYS B 192 11.32 -29.00 -35.99
C LYS B 192 9.91 -28.53 -36.33
N LEU B 193 9.65 -28.36 -37.63
CA LEU B 193 8.30 -28.05 -38.09
C LEU B 193 7.35 -29.19 -37.74
N LEU B 194 7.78 -30.43 -37.93
CA LEU B 194 6.97 -31.61 -37.62
C LEU B 194 6.71 -31.66 -36.12
N ASP B 195 7.74 -31.44 -35.32
CA ASP B 195 7.58 -31.38 -33.87
C ASP B 195 6.52 -30.34 -33.48
N PHE B 196 6.62 -29.15 -34.07
CA PHE B 196 5.67 -28.06 -33.86
C PHE B 196 4.26 -28.53 -34.20
N ARG B 197 4.12 -29.08 -35.41
CA ARG B 197 2.83 -29.44 -36.03
C ARG B 197 2.12 -30.57 -35.28
N ASN B 198 2.86 -31.64 -35.01
CA ASN B 198 2.34 -32.83 -34.30
C ASN B 198 2.16 -32.66 -32.81
N ASP B 199 2.63 -31.52 -32.28
CA ASP B 199 2.55 -31.22 -30.88
C ASP B 199 1.09 -31.15 -30.51
N PRO B 200 0.67 -31.94 -29.50
CA PRO B 200 -0.74 -31.84 -29.10
C PRO B 200 -1.22 -30.40 -28.74
N SER B 201 -0.44 -29.63 -27.98
CA SER B 201 -0.84 -28.26 -27.59
C SER B 201 -0.72 -27.17 -28.70
N ILE B 202 -0.23 -27.53 -29.89
CA ILE B 202 -0.32 -26.64 -31.04
C ILE B 202 -1.55 -27.00 -31.85
N SER B 203 -1.75 -28.31 -32.10
CA SER B 203 -2.75 -28.74 -33.08
C SER B 203 -4.18 -28.52 -32.61
N CYS B 204 -4.40 -28.42 -31.30
CA CYS B 204 -5.74 -28.21 -30.81
C CYS B 204 -6.30 -26.87 -31.24
N TRP B 205 -5.44 -25.92 -31.60
CA TRP B 205 -5.89 -24.70 -32.31
C TRP B 205 -5.39 -24.58 -33.79
N LEU B 206 -4.23 -25.16 -34.12
CA LEU B 206 -3.59 -24.82 -35.39
C LEU B 206 -4.30 -25.40 -36.60
N GLU B 207 -4.63 -26.69 -36.56
CA GLU B 207 -5.33 -27.32 -37.67
C GLU B 207 -6.66 -26.62 -37.94
N ASP B 208 -7.48 -26.38 -36.89
CA ASP B 208 -8.73 -25.65 -37.08
C ASP B 208 -8.49 -24.28 -37.77
N ALA B 209 -7.45 -23.58 -37.32
CA ALA B 209 -7.12 -22.26 -37.85
C ALA B 209 -6.73 -22.32 -39.32
N ALA B 210 -5.97 -23.37 -39.71
CA ALA B 210 -5.53 -23.51 -41.10
C ALA B 210 -6.69 -23.83 -42.08
N TYR B 211 -7.55 -24.76 -41.69
CA TYR B 211 -8.69 -25.13 -42.51
C TYR B 211 -9.63 -23.96 -42.63
N PHE B 212 -9.92 -23.28 -41.52
CA PHE B 212 -10.82 -22.14 -41.57
C PHE B 212 -10.31 -21.18 -42.62
N ALA B 213 -9.01 -20.89 -42.57
CA ALA B 213 -8.42 -19.89 -43.46
C ALA B 213 -8.42 -20.37 -44.92
N ALA B 214 -8.18 -21.67 -45.14
CA ALA B 214 -8.31 -22.24 -46.51
C ALA B 214 -9.72 -22.07 -47.09
N ILE B 215 -10.74 -22.36 -46.29
CA ILE B 215 -12.10 -22.24 -46.77
C ILE B 215 -12.46 -20.78 -47.00
N ASP B 216 -12.01 -19.90 -46.12
CA ASP B 216 -12.29 -18.48 -46.30
C ASP B 216 -11.67 -17.97 -47.62
N ASN B 217 -10.51 -18.55 -47.99
CA ASN B 217 -9.77 -18.22 -49.20
C ASN B 217 -10.51 -18.64 -50.47
N THR B 218 -10.90 -19.91 -50.49
CA THR B 218 -11.69 -20.55 -51.55
C THR B 218 -13.12 -20.02 -51.78
N LEU B 219 -13.83 -19.70 -50.69
CA LEU B 219 -15.22 -19.25 -50.79
C LEU B 219 -15.31 -17.75 -50.73
N ASN B 220 -16.25 -17.21 -51.51
CA ASN B 220 -16.55 -15.80 -51.53
C ASN B 220 -17.77 -15.57 -50.67
N ALA B 221 -17.57 -15.40 -49.38
CA ALA B 221 -18.67 -15.28 -48.41
C ALA B 221 -18.35 -14.27 -47.35
N TYR B 222 -19.38 -13.60 -46.83
CA TYR B 222 -19.19 -12.57 -45.81
C TYR B 222 -18.59 -13.23 -44.58
N SER B 223 -19.36 -14.15 -43.98
CA SER B 223 -18.94 -14.93 -42.81
C SER B 223 -19.18 -16.41 -43.08
N TRP B 224 -18.80 -17.26 -42.11
CA TRP B 224 -18.96 -18.72 -42.21
C TRP B 224 -20.43 -19.13 -42.04
N PHE B 225 -21.26 -18.23 -41.50
CA PHE B 225 -22.73 -18.40 -41.47
C PHE B 225 -23.35 -18.55 -42.87
N GLU B 226 -22.76 -17.88 -43.85
CA GLU B 226 -23.20 -17.97 -45.23
C GLU B 226 -22.49 -19.09 -46.03
N TRP B 227 -21.66 -19.90 -45.39
CA TRP B 227 -20.97 -20.99 -46.11
C TRP B 227 -21.97 -22.08 -46.44
N PRO B 228 -21.67 -22.90 -47.47
CA PRO B 228 -22.52 -24.06 -47.67
C PRO B 228 -22.49 -24.98 -46.43
N GLU B 229 -23.63 -25.56 -46.13
CA GLU B 229 -23.87 -26.42 -44.94
C GLU B 229 -22.74 -27.37 -44.50
N PRO B 230 -22.17 -28.17 -45.40
CA PRO B 230 -21.13 -29.11 -44.93
C PRO B 230 -19.80 -28.44 -44.57
N LEU B 231 -19.55 -27.24 -45.08
CA LEU B 231 -18.40 -26.48 -44.59
C LEU B 231 -18.79 -25.73 -43.33
N LYS B 232 -19.91 -25.03 -43.37
CA LYS B 232 -20.45 -24.34 -42.21
C LYS B 232 -20.39 -25.18 -40.97
N ASN B 233 -20.90 -26.41 -41.07
CA ASN B 233 -21.02 -27.36 -39.96
C ASN B 233 -19.99 -28.49 -39.97
N ARG B 234 -18.89 -28.26 -40.68
CA ARG B 234 -17.70 -29.10 -40.54
C ARG B 234 -17.94 -30.59 -40.69
N HIS B 235 -18.63 -30.97 -41.75
CA HIS B 235 -18.83 -32.39 -42.03
C HIS B 235 -17.44 -32.91 -42.32
N LEU B 236 -17.15 -34.07 -41.76
CA LEU B 236 -15.84 -34.66 -41.89
C LEU B 236 -15.40 -34.79 -43.35
N SER B 237 -16.22 -35.35 -44.22
CA SER B 237 -15.78 -35.60 -45.59
C SER B 237 -15.50 -34.26 -46.30
N ALA B 238 -16.28 -33.22 -46.01
CA ALA B 238 -16.06 -31.91 -46.62
C ALA B 238 -14.72 -31.33 -46.23
N LEU B 239 -14.38 -31.47 -44.94
CA LEU B 239 -13.07 -31.13 -44.43
C LEU B 239 -11.96 -31.90 -45.14
N GLU B 240 -12.15 -33.19 -45.35
CA GLU B 240 -11.14 -33.97 -46.12
C GLU B 240 -11.04 -33.48 -47.59
N ALA B 241 -12.18 -33.10 -48.16
CA ALA B 241 -12.23 -32.50 -49.51
C ALA B 241 -11.56 -31.12 -49.54
N ILE B 242 -11.61 -30.40 -48.41
CA ILE B 242 -10.87 -29.16 -48.31
C ILE B 242 -9.39 -29.45 -48.22
N TYR B 243 -8.99 -30.47 -47.46
CA TYR B 243 -7.56 -30.72 -47.33
C TYR B 243 -6.96 -31.05 -48.68
N GLU B 244 -7.61 -31.92 -49.44
CA GLU B 244 -7.05 -32.33 -50.72
C GLU B 244 -7.09 -31.21 -51.77
N SER B 245 -8.13 -30.38 -51.80
CA SER B 245 -8.25 -29.36 -52.82
C SER B 245 -7.49 -28.08 -52.46
N GLN B 246 -7.17 -27.90 -51.18
CA GLN B 246 -6.42 -26.74 -50.68
C GLN B 246 -5.16 -27.11 -49.90
N LYS B 247 -4.64 -28.31 -50.13
CA LYS B 247 -3.43 -28.74 -49.42
C LYS B 247 -2.28 -27.72 -49.40
N GLU B 248 -1.95 -27.07 -50.53
CA GLU B 248 -0.78 -26.21 -50.51
C GLU B 248 -0.98 -25.03 -49.58
N PHE B 249 -2.18 -24.44 -49.60
CA PHE B 249 -2.51 -23.32 -48.74
C PHE B 249 -2.42 -23.70 -47.25
N ILE B 250 -2.95 -24.87 -46.91
CA ILE B 250 -2.91 -25.39 -45.55
C ILE B 250 -1.48 -25.65 -45.02
N ASP B 251 -0.64 -26.26 -45.83
CA ASP B 251 0.74 -26.53 -45.43
C ASP B 251 1.48 -25.25 -45.29
N LEU B 252 1.23 -24.27 -46.15
CA LEU B 252 1.97 -23.02 -46.07
C LEU B 252 1.51 -22.18 -44.84
N PHE B 253 0.22 -22.19 -44.58
CA PHE B 253 -0.34 -21.52 -43.39
C PHE B 253 0.32 -22.07 -42.12
N ILE B 254 0.40 -23.40 -42.03
CA ILE B 254 1.04 -24.03 -40.88
C ILE B 254 2.52 -23.67 -40.80
N ALA B 255 3.22 -23.72 -41.94
CA ALA B 255 4.63 -23.37 -41.95
C ALA B 255 4.85 -21.95 -41.49
N LYS B 256 4.02 -21.01 -41.93
CA LYS B 256 4.17 -19.61 -41.51
C LYS B 256 3.96 -19.42 -40.01
N GLN B 257 3.02 -20.14 -39.45
CA GLN B 257 2.82 -20.09 -38.01
C GLN B 257 4.04 -20.64 -37.31
N PHE B 258 4.72 -21.61 -37.93
CA PHE B 258 5.94 -22.18 -37.31
C PHE B 258 7.03 -21.12 -37.30
N LEU B 259 7.11 -20.36 -38.39
CA LEU B 259 8.17 -19.34 -38.52
C LEU B 259 7.97 -18.21 -37.53
N PHE B 260 6.72 -17.80 -37.32
CA PHE B 260 6.41 -16.80 -36.32
C PHE B 260 6.79 -17.32 -34.93
N GLN B 261 6.34 -18.51 -34.60
CA GLN B 261 6.70 -19.16 -33.32
C GLN B 261 8.19 -19.18 -33.10
N ARG B 262 8.94 -19.55 -34.13
CA ARG B 262 10.37 -19.62 -34.01
C ARG B 262 10.98 -18.27 -33.65
N GLN B 263 10.51 -17.23 -34.35
CA GLN B 263 11.08 -15.93 -34.16
C GLN B 263 10.63 -15.33 -32.86
N TRP B 264 9.35 -15.49 -32.53
CA TRP B 264 8.86 -14.99 -31.26
C TRP B 264 9.55 -15.68 -30.09
N GLN B 265 9.78 -16.98 -30.18
CA GLN B 265 10.43 -17.70 -29.08
C GLN B 265 11.87 -17.27 -28.98
N LYS B 266 12.51 -16.89 -30.07
CA LYS B 266 13.88 -16.38 -29.98
C LYS B 266 13.91 -14.98 -29.29
N VAL B 267 12.93 -14.14 -29.58
CA VAL B 267 12.82 -12.86 -28.87
C VAL B 267 12.58 -13.12 -27.39
N ARG B 268 11.69 -14.07 -27.08
CA ARG B 268 11.29 -14.36 -25.68
C ARG B 268 12.47 -14.93 -24.88
N GLU B 269 13.28 -15.76 -25.54
CA GLU B 269 14.48 -16.27 -24.90
C GLU B 269 15.51 -15.16 -24.65
N TYR B 270 15.64 -14.23 -25.60
CA TYR B 270 16.62 -13.16 -25.43
C TYR B 270 16.10 -12.22 -24.34
N ALA B 271 14.80 -11.98 -24.28
CA ALA B 271 14.25 -11.18 -23.15
C ALA B 271 14.56 -11.86 -21.81
N ARG B 272 14.34 -13.16 -21.73
CA ARG B 272 14.61 -13.87 -20.48
C ARG B 272 16.07 -13.75 -20.10
N ARG B 273 16.97 -13.93 -21.06
CA ARG B 273 18.42 -13.79 -20.76
C ARG B 273 18.79 -12.41 -20.30
N GLN B 274 18.09 -11.36 -20.77
CA GLN B 274 18.38 -9.98 -20.33
C GLN B 274 17.55 -9.54 -19.14
N GLY B 275 16.81 -10.46 -18.54
CA GLY B 275 16.08 -10.12 -17.31
C GLY B 275 14.78 -9.37 -17.56
N VAL B 276 14.17 -9.59 -18.72
CA VAL B 276 12.89 -8.97 -19.12
C VAL B 276 11.78 -9.98 -19.25
N ASP B 277 10.71 -9.79 -18.48
CA ASP B 277 9.45 -10.53 -18.63
C ASP B 277 8.63 -9.81 -19.70
N ILE B 278 7.84 -10.57 -20.46
CA ILE B 278 6.98 -10.04 -21.46
C ILE B 278 5.54 -10.26 -21.05
N MET B 279 4.80 -9.14 -21.03
CA MET B 279 3.39 -9.12 -20.72
C MET B 279 2.57 -8.92 -21.98
N GLY B 280 1.74 -9.93 -22.29
CA GLY B 280 0.84 -9.93 -23.40
C GLY B 280 -0.51 -9.37 -23.01
N ASP B 281 -1.42 -9.48 -23.97
CA ASP B 281 -2.76 -8.91 -23.86
C ASP B 281 -3.71 -9.85 -24.62
N MET B 282 -4.92 -9.99 -24.10
CA MET B 282 -5.94 -10.85 -24.69
C MET B 282 -7.30 -10.21 -24.50
N PRO B 283 -8.04 -9.95 -25.58
CA PRO B 283 -9.43 -9.55 -25.33
C PRO B 283 -10.25 -10.73 -24.78
N ILE B 284 -11.16 -10.45 -23.83
CA ILE B 284 -11.97 -11.51 -23.24
C ILE B 284 -12.75 -12.27 -24.31
N TYR B 285 -13.33 -11.55 -25.26
CA TYR B 285 -14.17 -12.15 -26.31
C TYR B 285 -13.38 -12.29 -27.61
N VAL B 286 -13.79 -13.24 -28.46
CA VAL B 286 -13.18 -13.46 -29.79
C VAL B 286 -14.17 -13.05 -30.90
N GLY B 287 -13.72 -12.98 -32.16
CA GLY B 287 -14.60 -12.63 -33.33
C GLY B 287 -15.47 -13.80 -33.80
N TYR B 288 -16.71 -13.50 -34.24
CA TYR B 288 -17.62 -14.51 -34.78
C TYR B 288 -17.04 -15.25 -35.98
N HIS B 289 -16.60 -14.49 -36.99
CA HIS B 289 -15.93 -15.08 -38.15
C HIS B 289 -14.49 -15.50 -37.83
N SER B 290 -14.34 -16.61 -37.13
CA SER B 290 -13.03 -17.14 -36.78
C SER B 290 -13.11 -18.62 -36.58
N ALA B 291 -11.96 -19.29 -36.64
CA ALA B 291 -11.89 -20.71 -36.29
C ALA B 291 -12.30 -20.97 -34.83
N ASP B 292 -12.05 -20.02 -33.96
CA ASP B 292 -12.35 -20.17 -32.55
C ASP B 292 -13.80 -20.51 -32.34
N VAL B 293 -14.68 -19.83 -33.07
CA VAL B 293 -16.11 -20.03 -32.91
C VAL B 293 -16.60 -21.15 -33.81
N TRP B 294 -16.19 -21.10 -35.07
CA TRP B 294 -16.58 -22.08 -36.09
C TRP B 294 -16.30 -23.53 -35.70
N ALA B 295 -15.10 -23.79 -35.16
CA ALA B 295 -14.66 -25.14 -34.76
C ALA B 295 -15.06 -25.53 -33.34
N ASN B 296 -15.85 -24.67 -32.66
CA ASN B 296 -16.26 -24.87 -31.27
C ASN B 296 -17.66 -24.30 -31.00
N LYS B 297 -18.60 -24.54 -31.89
CA LYS B 297 -19.87 -23.83 -31.85
C LYS B 297 -20.60 -24.00 -30.52
N LYS B 298 -20.46 -25.19 -29.93
CA LYS B 298 -21.22 -25.55 -28.72
C LYS B 298 -20.75 -24.76 -27.52
N HIS B 299 -19.58 -24.12 -27.63
CA HIS B 299 -19.06 -23.29 -26.55
C HIS B 299 -19.58 -21.84 -26.57
N PHE B 300 -20.33 -21.47 -27.61
CA PHE B 300 -20.89 -20.13 -27.74
C PHE B 300 -22.42 -20.17 -27.79
N LEU B 301 -23.01 -19.03 -27.47
CA LEU B 301 -24.43 -18.87 -27.51
C LEU B 301 -24.84 -18.61 -28.96
N LEU B 302 -24.95 -19.69 -29.73
CA LEU B 302 -25.46 -19.62 -31.08
C LEU B 302 -26.81 -20.28 -31.11
N ASN B 303 -27.62 -19.92 -32.11
CA ASN B 303 -28.90 -20.60 -32.37
C ASN B 303 -28.65 -21.85 -33.20
N LYS B 304 -29.70 -22.61 -33.45
CA LYS B 304 -29.61 -23.85 -34.21
C LYS B 304 -28.92 -23.72 -35.58
N LYS B 305 -29.12 -22.59 -36.24
CA LYS B 305 -28.47 -22.35 -37.54
C LYS B 305 -27.08 -21.73 -37.39
N GLY B 306 -26.54 -21.68 -36.16
CA GLY B 306 -25.19 -21.16 -35.90
C GLY B 306 -25.00 -19.65 -35.83
N PHE B 307 -26.08 -18.90 -35.70
CA PHE B 307 -26.02 -17.44 -35.56
C PHE B 307 -26.10 -17.04 -34.08
N PRO B 308 -25.39 -15.99 -33.66
CA PRO B 308 -25.41 -15.67 -32.24
C PRO B 308 -26.79 -15.25 -31.75
N LEU B 309 -27.23 -15.84 -30.64
CA LEU B 309 -28.46 -15.40 -30.01
C LEU B 309 -28.25 -14.05 -29.34
N LEU B 310 -27.10 -13.91 -28.69
CA LEU B 310 -26.76 -12.74 -27.88
C LEU B 310 -25.32 -12.30 -28.23
N VAL B 311 -25.08 -11.00 -28.23
CA VAL B 311 -23.74 -10.47 -28.46
C VAL B 311 -23.29 -9.49 -27.37
N SER B 312 -21.98 -9.24 -27.34
CA SER B 312 -21.37 -8.45 -26.28
C SER B 312 -21.63 -6.94 -26.37
N GLY B 313 -21.40 -6.25 -25.26
CA GLY B 313 -21.39 -4.80 -25.19
C GLY B 313 -21.42 -4.30 -23.74
N VAL B 314 -21.72 -3.03 -23.54
CA VAL B 314 -21.96 -2.46 -22.23
C VAL B 314 -23.12 -1.47 -22.31
N PRO B 315 -23.89 -1.30 -21.22
CA PRO B 315 -25.02 -0.38 -21.15
C PRO B 315 -24.68 1.12 -21.15
N PRO B 316 -25.70 2.00 -21.20
CA PRO B 316 -25.52 3.47 -21.22
C PRO B 316 -24.81 4.09 -19.99
N ASP B 317 -24.67 5.41 -20.01
CA ASP B 317 -24.04 6.18 -18.91
C ASP B 317 -24.06 7.70 -19.17
N THR B 322 -28.38 4.59 -24.91
CA THR B 322 -27.94 3.86 -26.10
C THR B 322 -26.88 2.79 -25.79
N GLY B 323 -25.72 3.24 -25.32
CA GLY B 323 -24.68 2.36 -24.85
C GLY B 323 -23.59 2.05 -25.87
N GLN B 324 -22.87 0.96 -25.64
CA GLN B 324 -21.83 0.48 -26.54
C GLN B 324 -22.06 -0.97 -26.98
N LEU B 325 -22.27 -1.15 -28.28
CA LEU B 325 -22.57 -2.45 -28.86
C LEU B 325 -21.34 -3.01 -29.58
N TRP B 326 -20.56 -3.82 -28.88
CA TRP B 326 -19.34 -4.40 -29.47
C TRP B 326 -19.65 -5.48 -30.52
N GLY B 327 -20.72 -6.24 -30.29
CA GLY B 327 -21.18 -7.24 -31.25
C GLY B 327 -20.43 -8.56 -31.33
N SER B 328 -19.56 -8.86 -30.37
CA SER B 328 -18.90 -10.16 -30.33
C SER B 328 -19.86 -11.24 -29.82
N PRO B 329 -19.68 -12.46 -30.29
CA PRO B 329 -20.47 -13.56 -29.77
C PRO B 329 -20.13 -13.79 -28.31
N LEU B 330 -20.98 -14.49 -27.56
CA LEU B 330 -20.79 -14.66 -26.13
C LEU B 330 -20.55 -16.11 -25.81
N TYR B 331 -19.89 -16.37 -24.69
CA TYR B 331 -19.55 -17.75 -24.31
C TYR B 331 -20.76 -18.45 -23.67
N ASP B 332 -20.90 -19.73 -23.93
CA ASP B 332 -21.88 -20.55 -23.25
C ASP B 332 -21.20 -21.15 -22.02
N TRP B 333 -21.15 -20.35 -20.96
CA TRP B 333 -20.41 -20.72 -19.77
C TRP B 333 -20.91 -22.01 -19.09
N LYS B 334 -22.23 -22.23 -19.07
CA LYS B 334 -22.78 -23.44 -18.47
C LYS B 334 -22.27 -24.62 -19.28
N ALA B 335 -22.41 -24.55 -20.60
CA ALA B 335 -21.83 -25.57 -21.51
C ALA B 335 -20.33 -25.83 -21.28
N MET B 336 -19.53 -24.74 -21.21
CA MET B 336 -18.10 -24.86 -20.95
C MET B 336 -17.84 -25.54 -19.61
N GLU B 337 -18.70 -25.27 -18.64
CA GLU B 337 -18.59 -25.93 -17.34
C GLU B 337 -18.59 -27.44 -17.49
N SER B 338 -19.44 -27.95 -18.37
CA SER B 338 -19.53 -29.40 -18.63
C SER B 338 -18.18 -30.07 -19.00
N ASP B 339 -17.39 -29.46 -19.88
CA ASP B 339 -16.08 -30.06 -20.23
C ASP B 339 -14.92 -29.38 -19.48
N GLN B 340 -15.23 -28.89 -18.29
CA GLN B 340 -14.23 -28.28 -17.42
C GLN B 340 -13.50 -27.11 -18.13
N TYR B 341 -14.28 -26.28 -18.82
CA TYR B 341 -13.77 -25.08 -19.47
C TYR B 341 -12.56 -25.34 -20.40
N SER B 342 -12.58 -26.46 -21.13
CA SER B 342 -11.40 -26.87 -21.94
C SER B 342 -10.97 -25.82 -22.99
N TRP B 343 -11.93 -25.11 -23.57
CA TRP B 343 -11.60 -24.08 -24.55
C TRP B 343 -10.76 -22.95 -23.94
N TRP B 344 -11.21 -22.46 -22.79
CA TRP B 344 -10.49 -21.40 -22.09
C TRP B 344 -9.18 -21.90 -21.53
N VAL B 345 -9.15 -23.15 -21.09
CA VAL B 345 -7.90 -23.73 -20.65
C VAL B 345 -6.89 -23.73 -21.79
N ASN B 346 -7.30 -24.18 -22.97
CA ASN B 346 -6.42 -24.14 -24.16
C ASN B 346 -5.99 -22.70 -24.49
N ARG B 347 -6.91 -21.73 -24.41
CA ARG B 347 -6.54 -20.35 -24.77
C ARG B 347 -5.41 -19.85 -23.91
N ILE B 348 -5.47 -20.17 -22.62
CA ILE B 348 -4.46 -19.75 -21.66
C ILE B 348 -3.15 -20.49 -21.86
N ARG B 349 -3.23 -21.75 -22.21
CA ARG B 349 -2.03 -22.56 -22.46
C ARG B 349 -1.24 -21.89 -23.59
N ARG B 350 -1.93 -21.45 -24.62
CA ARG B 350 -1.28 -20.72 -25.72
C ARG B 350 -0.77 -19.36 -25.26
N ALA B 351 -1.53 -18.60 -24.47
CA ALA B 351 -1.05 -17.33 -23.91
C ALA B 351 0.25 -17.50 -23.09
N GLN B 352 0.31 -18.61 -22.36
CA GLN B 352 1.48 -18.96 -21.59
C GLN B 352 2.71 -19.31 -22.42
N ASP B 353 2.46 -19.91 -23.57
CA ASP B 353 3.49 -20.26 -24.54
C ASP B 353 4.07 -18.99 -25.17
N LEU B 354 3.24 -17.96 -25.31
CA LEU B 354 3.68 -16.68 -25.88
C LEU B 354 4.22 -15.67 -24.86
N TYR B 355 3.66 -15.66 -23.66
CA TYR B 355 3.95 -14.60 -22.70
C TYR B 355 4.25 -15.10 -21.26
N ASP B 356 5.05 -14.35 -20.51
CA ASP B 356 5.23 -14.60 -19.09
C ASP B 356 3.97 -14.23 -18.31
N GLU B 357 3.30 -13.16 -18.72
CA GLU B 357 2.13 -12.61 -18.02
C GLU B 357 1.18 -12.12 -19.08
N CYS B 358 -0.08 -11.98 -18.73
CA CYS B 358 -1.04 -11.60 -19.70
C CYS B 358 -2.14 -10.81 -19.08
N ARG B 359 -2.41 -9.66 -19.65
CA ARG B 359 -3.58 -8.88 -19.26
C ARG B 359 -4.84 -9.37 -20.01
N ILE B 360 -5.99 -9.31 -19.36
CA ILE B 360 -7.23 -9.68 -20.02
C ILE B 360 -8.16 -8.49 -20.05
N ASP B 361 -8.53 -8.05 -21.25
CA ASP B 361 -9.33 -6.89 -21.42
C ASP B 361 -10.77 -7.20 -21.02
N HIS B 362 -11.44 -6.25 -20.38
CA HIS B 362 -12.79 -6.45 -19.89
C HIS B 362 -12.88 -7.71 -19.01
N PHE B 363 -11.93 -7.84 -18.11
CA PHE B 363 -11.95 -8.86 -17.07
C PHE B 363 -13.29 -8.96 -16.32
N ARG B 364 -14.02 -7.85 -16.20
CA ARG B 364 -15.28 -7.84 -15.44
C ARG B 364 -16.28 -8.88 -15.95
N GLY B 365 -16.13 -9.23 -17.23
CA GLY B 365 -16.93 -10.21 -17.89
C GLY B 365 -16.93 -11.60 -17.28
N PHE B 366 -15.89 -11.90 -16.53
CA PHE B 366 -15.83 -13.19 -15.88
C PHE B 366 -16.82 -13.27 -14.70
N ALA B 367 -17.23 -12.13 -14.15
CA ALA B 367 -18.16 -12.09 -13.01
C ALA B 367 -19.56 -11.78 -13.47
N GLY B 368 -19.67 -10.81 -14.38
CA GLY B 368 -20.95 -10.48 -15.00
C GLY B 368 -20.72 -9.82 -16.36
N PHE B 369 -21.60 -10.10 -17.32
CA PHE B 369 -21.45 -9.56 -18.66
C PHE B 369 -22.76 -9.08 -19.27
N TRP B 370 -22.64 -8.04 -20.09
CA TRP B 370 -23.76 -7.45 -20.73
C TRP B 370 -24.05 -8.23 -22.01
N ALA B 371 -25.33 -8.61 -22.17
CA ALA B 371 -25.76 -9.47 -23.27
C ALA B 371 -26.94 -8.82 -23.99
N VAL B 372 -26.75 -8.62 -25.31
CA VAL B 372 -27.68 -7.91 -26.16
C VAL B 372 -28.21 -8.88 -27.20
N PRO B 373 -29.55 -8.88 -27.44
CA PRO B 373 -30.10 -9.71 -28.53
C PRO B 373 -29.51 -9.33 -29.89
N SER B 374 -28.98 -10.31 -30.62
CA SER B 374 -28.18 -10.05 -31.84
C SER B 374 -28.93 -9.29 -32.95
N GLU B 375 -30.25 -9.34 -32.92
CA GLU B 375 -31.06 -8.54 -33.84
C GLU B 375 -30.76 -7.04 -33.67
N ALA B 376 -30.53 -6.60 -32.43
CA ALA B 376 -30.56 -5.18 -32.05
C ALA B 376 -29.57 -4.26 -32.77
N LYS B 377 -29.94 -2.98 -32.83
CA LYS B 377 -29.14 -1.93 -33.47
C LYS B 377 -28.32 -1.13 -32.45
N VAL B 378 -28.76 -1.15 -31.17
CA VAL B 378 -28.02 -0.51 -30.08
C VAL B 378 -28.01 -1.38 -28.81
N ALA B 379 -27.04 -1.08 -27.93
CA ALA B 379 -26.80 -1.86 -26.72
C ALA B 379 -27.82 -1.69 -25.58
N MET B 380 -28.58 -0.59 -25.56
CA MET B 380 -29.43 -0.31 -24.40
C MET B 380 -30.44 -1.41 -23.98
N VAL B 381 -30.78 -2.35 -24.88
CA VAL B 381 -31.85 -3.34 -24.59
C VAL B 381 -31.35 -4.74 -24.17
N GLY B 382 -30.29 -4.78 -23.38
CA GLY B 382 -29.73 -6.04 -22.89
C GLY B 382 -30.05 -6.36 -21.44
N ARG B 383 -29.53 -7.49 -20.95
CA ARG B 383 -29.54 -7.83 -19.53
C ARG B 383 -28.12 -8.28 -19.06
N TRP B 384 -27.85 -8.13 -17.77
CA TRP B 384 -26.59 -8.62 -17.19
C TRP B 384 -26.71 -10.10 -16.87
N LYS B 385 -25.68 -10.84 -17.22
CA LYS B 385 -25.69 -12.27 -16.98
C LYS B 385 -24.55 -12.66 -16.06
N VAL B 386 -24.78 -13.73 -15.30
CA VAL B 386 -23.83 -14.23 -14.34
C VAL B 386 -22.69 -14.92 -15.08
N GLY B 387 -21.47 -14.57 -14.70
CA GLY B 387 -20.28 -15.16 -15.33
C GLY B 387 -19.79 -16.34 -14.50
N PRO B 388 -18.74 -17.02 -15.01
CA PRO B 388 -18.26 -18.25 -14.39
C PRO B 388 -17.62 -18.07 -13.02
N GLY B 389 -17.07 -16.89 -12.76
CA GLY B 389 -16.40 -16.66 -11.50
C GLY B 389 -15.18 -17.52 -11.37
N LYS B 390 -14.75 -17.71 -10.13
CA LYS B 390 -13.50 -18.38 -9.78
C LYS B 390 -13.41 -19.83 -10.27
N SER B 391 -14.54 -20.49 -10.46
CA SER B 391 -14.51 -21.86 -10.94
C SER B 391 -13.76 -21.97 -12.29
N LEU B 392 -13.90 -20.95 -13.16
CA LEU B 392 -13.08 -20.86 -14.40
C LEU B 392 -11.56 -20.88 -14.14
N PHE B 393 -11.15 -20.04 -13.20
CA PHE B 393 -9.75 -19.92 -12.82
C PHE B 393 -9.23 -21.12 -12.01
N ASP B 394 -10.10 -21.76 -11.26
CA ASP B 394 -9.75 -23.08 -10.68
C ASP B 394 -9.36 -24.05 -11.80
N ALA B 395 -10.21 -24.12 -12.82
CA ALA B 395 -9.99 -25.04 -13.94
C ALA B 395 -8.71 -24.73 -14.70
N ILE B 396 -8.46 -23.45 -14.95
CA ILE B 396 -7.23 -23.04 -15.58
C ILE B 396 -6.00 -23.46 -14.81
N SER B 397 -5.97 -23.15 -13.53
CA SER B 397 -4.79 -23.39 -12.75
C SER B 397 -4.51 -24.88 -12.65
N LYS B 398 -5.56 -25.68 -12.52
CA LYS B 398 -5.45 -27.14 -12.51
C LYS B 398 -4.87 -27.67 -13.82
N GLY B 399 -5.24 -27.03 -14.93
CA GLY B 399 -4.83 -27.50 -16.22
C GLY B 399 -3.49 -26.99 -16.73
N VAL B 400 -3.08 -25.78 -16.32
CA VAL B 400 -1.88 -25.16 -16.86
C VAL B 400 -0.86 -24.77 -15.78
N GLY B 401 -1.26 -24.84 -14.51
CA GLY B 401 -0.38 -24.46 -13.42
C GLY B 401 -0.60 -23.04 -12.94
N LYS B 402 0.44 -22.45 -12.34
CA LYS B 402 0.40 -21.07 -11.85
C LYS B 402 0.43 -20.10 -13.04
N ILE B 403 -0.49 -19.16 -13.01
CA ILE B 403 -0.68 -18.15 -14.08
C ILE B 403 -0.49 -16.73 -13.53
N LYS B 404 0.01 -15.82 -14.39
CA LYS B 404 0.12 -14.43 -14.04
C LYS B 404 -0.76 -13.59 -14.95
N ILE B 405 -1.92 -13.27 -14.43
CA ILE B 405 -2.94 -12.56 -15.14
C ILE B 405 -3.06 -11.14 -14.59
N ILE B 406 -3.27 -10.18 -15.47
CA ILE B 406 -3.57 -8.81 -15.07
C ILE B 406 -5.01 -8.52 -15.44
N ALA B 407 -5.81 -7.97 -14.53
CA ALA B 407 -7.20 -7.62 -14.82
C ALA B 407 -7.35 -6.18 -15.34
N GLU B 408 -7.74 -5.98 -16.60
CA GLU B 408 -8.17 -4.66 -17.00
C GLU B 408 -9.52 -4.46 -16.34
N ASP B 409 -9.60 -3.47 -15.45
CA ASP B 409 -10.74 -3.24 -14.60
C ASP B 409 -11.11 -1.75 -14.56
N LEU B 410 -11.00 -1.07 -15.69
CA LEU B 410 -11.27 0.35 -15.76
C LEU B 410 -12.78 0.61 -15.81
N GLY B 411 -13.17 1.84 -15.55
CA GLY B 411 -14.57 2.21 -15.59
C GLY B 411 -15.37 1.74 -14.39
N VAL B 412 -16.69 1.83 -14.49
CA VAL B 412 -17.58 1.42 -13.42
C VAL B 412 -17.58 -0.10 -13.34
N ILE B 413 -17.26 -0.62 -12.16
CA ILE B 413 -17.26 -2.02 -11.91
C ILE B 413 -17.96 -2.31 -10.59
N THR B 414 -18.57 -3.48 -10.53
CA THR B 414 -19.34 -3.92 -9.42
C THR B 414 -18.49 -4.71 -8.41
N LYS B 415 -19.06 -4.89 -7.22
CA LYS B 415 -18.34 -5.48 -6.10
C LYS B 415 -17.91 -6.92 -6.36
N ASP B 416 -18.69 -7.66 -7.14
CA ASP B 416 -18.31 -9.04 -7.53
C ASP B 416 -17.04 -9.06 -8.40
N VAL B 417 -16.79 -8.00 -9.17
CA VAL B 417 -15.57 -7.93 -9.98
C VAL B 417 -14.36 -7.82 -9.10
N VAL B 418 -14.41 -6.88 -8.16
CA VAL B 418 -13.29 -6.64 -7.23
C VAL B 418 -13.03 -7.93 -6.42
N GLU B 419 -14.12 -8.49 -5.91
CA GLU B 419 -14.01 -9.71 -5.14
C GLU B 419 -13.42 -10.85 -5.97
N LEU B 420 -13.85 -10.99 -7.22
CA LEU B 420 -13.29 -12.04 -8.07
C LEU B 420 -11.80 -11.82 -8.35
N ARG B 421 -11.46 -10.60 -8.71
CA ARG B 421 -10.07 -10.22 -8.98
C ARG B 421 -9.16 -10.55 -7.80
N LYS B 422 -9.59 -10.14 -6.63
CA LYS B 422 -8.82 -10.39 -5.42
C LYS B 422 -8.74 -11.87 -5.03
N SER B 423 -9.79 -12.64 -5.28
CA SER B 423 -9.80 -14.08 -4.97
C SER B 423 -8.78 -14.89 -5.81
N ILE B 424 -8.47 -14.46 -7.03
CA ILE B 424 -7.41 -15.13 -7.78
C ILE B 424 -6.04 -14.41 -7.66
N GLY B 425 -5.98 -13.34 -6.86
CA GLY B 425 -4.72 -12.62 -6.65
C GLY B 425 -4.27 -11.75 -7.82
N ALA B 426 -5.16 -11.45 -8.76
CA ALA B 426 -4.76 -10.66 -9.93
C ALA B 426 -4.73 -9.14 -9.64
N PRO B 427 -3.63 -8.46 -10.00
CA PRO B 427 -3.60 -7.01 -9.92
C PRO B 427 -4.50 -6.37 -10.92
N GLY B 428 -5.04 -5.22 -10.53
CA GLY B 428 -5.80 -4.38 -11.43
C GLY B 428 -4.93 -3.26 -11.88
N MET B 429 -5.59 -2.20 -12.38
CA MET B 429 -4.90 -1.09 -13.04
C MET B 429 -5.17 0.26 -12.41
N ALA B 430 -4.20 1.13 -12.46
CA ALA B 430 -4.42 2.54 -12.26
C ALA B 430 -3.81 3.27 -13.45
N VAL B 431 -4.48 4.33 -13.89
CA VAL B 431 -4.03 5.14 -15.04
C VAL B 431 -4.02 6.61 -14.65
N LEU B 432 -2.83 7.19 -14.60
CA LEU B 432 -2.66 8.52 -14.09
C LEU B 432 -3.41 9.60 -14.83
N GLN B 433 -3.64 9.39 -16.14
CA GLN B 433 -4.44 10.34 -16.95
C GLN B 433 -5.92 10.43 -16.53
N PHE B 434 -6.40 9.44 -15.78
CA PHE B 434 -7.78 9.44 -15.25
C PHE B 434 -7.88 9.99 -13.82
N ALA B 435 -6.78 10.41 -13.24
CA ALA B 435 -6.75 10.70 -11.81
C ALA B 435 -7.25 12.08 -11.38
N PHE B 436 -7.49 12.99 -12.32
CA PHE B 436 -7.64 14.39 -11.95
C PHE B 436 -9.00 14.96 -12.17
N GLY B 437 -9.94 14.11 -12.54
CA GLY B 437 -11.36 14.46 -12.49
C GLY B 437 -11.83 14.04 -11.11
N GLY B 438 -12.90 14.63 -10.68
CA GLY B 438 -13.46 14.27 -9.39
C GLY B 438 -12.57 14.68 -8.23
N GLY B 439 -12.79 13.99 -7.12
CA GLY B 439 -12.20 14.37 -5.86
C GLY B 439 -11.02 13.47 -5.47
N ALA B 440 -10.68 13.55 -4.20
CA ALA B 440 -9.51 12.92 -3.68
C ALA B 440 -9.70 11.41 -3.41
N ASP B 441 -10.92 10.90 -3.56
CA ASP B 441 -11.15 9.45 -3.57
C ASP B 441 -10.96 8.79 -4.96
N ASN B 442 -10.61 9.56 -5.98
CA ASN B 442 -10.33 8.97 -7.28
C ASN B 442 -9.26 7.89 -7.15
N PRO B 443 -9.58 6.63 -7.50
CA PRO B 443 -8.65 5.52 -7.28
C PRO B 443 -7.39 5.55 -8.12
N HIS B 444 -7.33 6.45 -9.11
CA HIS B 444 -6.12 6.61 -9.91
C HIS B 444 -5.16 7.62 -9.34
N LEU B 445 -5.56 8.35 -8.31
CA LEU B 445 -4.60 9.16 -7.58
C LEU B 445 -3.58 8.26 -6.83
N PRO B 446 -2.29 8.62 -6.88
CA PRO B 446 -1.27 7.77 -6.24
C PRO B 446 -1.50 7.41 -4.80
N HIS B 447 -1.98 8.35 -3.97
CA HIS B 447 -2.25 8.03 -2.55
C HIS B 447 -3.36 6.96 -2.36
N ASN B 448 -4.11 6.66 -3.42
CA ASN B 448 -5.12 5.59 -3.38
C ASN B 448 -4.67 4.32 -4.10
N HIS B 449 -3.45 4.28 -4.64
CA HIS B 449 -2.94 3.08 -5.25
C HIS B 449 -2.72 1.96 -4.22
N GLU B 450 -2.67 0.73 -4.74
CA GLU B 450 -2.50 -0.50 -3.96
C GLU B 450 -1.18 -1.11 -4.46
N VAL B 451 -0.65 -2.04 -3.70
CA VAL B 451 0.57 -2.70 -4.03
C VAL B 451 0.42 -3.66 -5.21
N ASN B 452 -0.61 -4.51 -5.13
CA ASN B 452 -0.91 -5.47 -6.15
C ASN B 452 -1.70 -4.79 -7.27
N GLN B 453 -1.00 -4.03 -8.08
CA GLN B 453 -1.61 -3.19 -9.06
C GLN B 453 -0.57 -2.81 -10.07
N VAL B 454 -1.04 -2.55 -11.28
CA VAL B 454 -0.22 -2.02 -12.34
C VAL B 454 -0.63 -0.57 -12.58
N VAL B 455 0.32 0.34 -12.39
CA VAL B 455 0.12 1.76 -12.70
C VAL B 455 0.67 2.09 -14.09
N TYR B 456 -0.17 2.70 -14.91
CA TYR B 456 0.23 3.29 -16.19
C TYR B 456 0.15 4.80 -16.17
N SER B 457 1.00 5.47 -16.94
CA SER B 457 0.74 6.88 -17.32
C SER B 457 -0.56 6.97 -18.14
N GLY B 458 -0.63 6.13 -19.15
CA GLY B 458 -1.77 5.97 -20.04
C GLY B 458 -1.59 4.64 -20.76
N THR B 459 -2.60 4.20 -21.49
CA THR B 459 -2.49 3.01 -22.33
C THR B 459 -2.52 3.37 -23.82
N HIS B 460 -2.42 2.36 -24.67
CA HIS B 460 -2.57 2.52 -26.13
C HIS B 460 -3.92 3.18 -26.56
N ASP B 461 -4.95 3.15 -25.70
CA ASP B 461 -6.26 3.77 -26.02
C ASP B 461 -6.38 5.24 -25.62
N ASN B 462 -5.35 5.74 -24.91
CA ASN B 462 -5.28 7.12 -24.46
C ASN B 462 -4.29 7.86 -25.33
N ASP B 463 -4.39 9.18 -25.33
CA ASP B 463 -3.43 10.01 -25.97
C ASP B 463 -2.15 9.87 -25.21
N THR B 464 -1.05 10.32 -25.82
CA THR B 464 0.18 10.48 -25.07
C THR B 464 -0.04 11.53 -23.97
N ILE B 465 0.85 11.50 -22.98
CA ILE B 465 0.75 12.49 -21.88
C ILE B 465 0.82 13.90 -22.42
N ARG B 466 1.75 14.18 -23.32
CA ARG B 466 1.78 15.50 -23.99
C ARG B 466 0.46 15.86 -24.66
N GLY B 467 -0.10 14.95 -25.43
CA GLY B 467 -1.34 15.23 -26.12
C GLY B 467 -2.54 15.44 -25.22
N TRP B 468 -2.64 14.57 -24.21
CA TRP B 468 -3.63 14.68 -23.16
C TRP B 468 -3.51 16.03 -22.42
N TRP B 469 -2.29 16.41 -22.06
CA TRP B 469 -2.04 17.69 -21.43
C TRP B 469 -2.56 18.87 -22.28
N ASP B 470 -2.30 18.83 -23.59
CA ASP B 470 -2.74 19.90 -24.49
C ASP B 470 -4.22 20.10 -24.55
N THR B 471 -5.00 19.05 -24.37
CA THR B 471 -6.43 19.22 -24.49
C THR B 471 -7.09 19.17 -23.14
N LEU B 472 -6.31 19.12 -22.09
CA LEU B 472 -6.87 18.99 -20.77
C LEU B 472 -7.68 20.21 -20.32
N ASP B 473 -8.80 19.87 -19.67
CA ASP B 473 -9.75 20.78 -19.02
C ASP B 473 -9.05 21.66 -17.98
N GLN B 474 -9.38 22.95 -17.91
CA GLN B 474 -8.67 23.85 -16.97
C GLN B 474 -8.76 23.42 -15.50
N GLU B 475 -9.96 23.02 -15.08
CA GLU B 475 -10.19 22.45 -13.75
C GLU B 475 -9.25 21.26 -13.46
N GLU B 476 -9.13 20.34 -14.42
CA GLU B 476 -8.28 19.15 -14.25
C GLU B 476 -6.81 19.52 -14.28
N LYS B 477 -6.43 20.52 -15.06
CA LYS B 477 -5.03 20.90 -15.16
C LYS B 477 -4.47 21.50 -13.86
N SER B 478 -5.20 22.44 -13.26
CA SER B 478 -4.80 23.06 -12.00
C SER B 478 -4.73 22.02 -10.92
N LYS B 479 -5.67 21.08 -10.92
CA LYS B 479 -5.63 19.99 -9.96
C LYS B 479 -4.37 19.15 -10.16
N ALA B 480 -4.06 18.83 -11.41
CA ALA B 480 -2.88 18.03 -11.71
C ALA B 480 -1.59 18.70 -11.26
N MET B 481 -1.50 20.01 -11.46
CA MET B 481 -0.32 20.79 -11.04
C MET B 481 -0.08 20.81 -9.51
N LYS B 482 -1.15 20.68 -8.73
CA LYS B 482 -1.06 20.49 -7.27
C LYS B 482 -0.56 19.14 -6.81
N TYR B 483 -0.87 18.07 -7.52
CA TYR B 483 -0.41 16.75 -7.15
C TYR B 483 0.96 16.42 -7.73
N LEU B 484 1.21 16.84 -8.96
CA LEU B 484 2.42 16.45 -9.67
C LEU B 484 3.53 17.48 -9.50
N SER B 485 4.73 17.06 -9.82
CA SER B 485 5.89 17.95 -9.78
C SER B 485 6.27 18.34 -11.23
N ILE B 486 5.79 19.48 -11.67
CA ILE B 486 5.90 19.87 -13.08
C ILE B 486 6.86 21.00 -13.30
N ALA B 487 7.75 20.81 -14.27
CA ALA B 487 8.65 21.86 -14.70
C ALA B 487 8.08 22.48 -16.00
N GLY B 488 8.79 22.37 -17.13
CA GLY B 488 8.31 22.91 -18.39
C GLY B 488 7.34 21.97 -19.02
N GLU B 489 6.35 22.51 -19.75
CA GLU B 489 5.34 21.71 -20.45
C GLU B 489 5.95 20.73 -21.45
N ASP B 490 7.14 21.03 -21.98
CA ASP B 490 7.84 20.10 -22.88
C ASP B 490 8.29 18.82 -22.18
N ASP B 491 8.28 18.83 -20.85
CA ASP B 491 8.79 17.75 -20.02
C ASP B 491 7.62 17.14 -19.20
N ILE B 492 6.39 17.50 -19.55
CA ILE B 492 5.23 17.01 -18.80
C ILE B 492 5.15 15.50 -18.76
N SER B 493 5.56 14.82 -19.82
CA SER B 493 5.57 13.36 -19.78
C SER B 493 6.44 12.81 -18.68
N TRP B 494 7.57 13.43 -18.39
CA TRP B 494 8.44 12.95 -17.31
C TRP B 494 7.86 13.23 -15.92
N SER B 495 7.06 14.28 -15.80
CA SER B 495 6.41 14.54 -14.51
C SER B 495 5.50 13.39 -14.18
N VAL B 496 4.76 12.94 -15.20
CA VAL B 496 3.75 11.90 -15.00
C VAL B 496 4.46 10.56 -14.82
N ILE B 497 5.53 10.34 -15.58
CA ILE B 497 6.34 9.13 -15.42
C ILE B 497 6.84 9.03 -14.00
N GLN B 498 7.32 10.13 -13.46
CA GLN B 498 7.87 10.13 -12.13
C GLN B 498 6.78 9.82 -11.07
N ALA B 499 5.58 10.36 -11.26
CA ALA B 499 4.49 10.03 -10.33
C ALA B 499 4.17 8.53 -10.41
N ALA B 500 4.20 7.97 -11.61
CA ALA B 500 3.96 6.53 -11.76
C ALA B 500 5.03 5.71 -11.01
N PHE B 501 6.30 6.08 -11.19
CA PHE B 501 7.36 5.35 -10.55
C PHE B 501 7.32 5.51 -9.02
N SER B 502 6.79 6.63 -8.54
CA SER B 502 6.78 6.89 -7.11
C SER B 502 5.68 6.14 -6.38
N SER B 503 4.74 5.58 -7.10
CA SER B 503 3.62 4.85 -6.48
C SER B 503 4.08 3.60 -5.71
N THR B 504 3.26 3.18 -4.77
CA THR B 504 3.40 1.90 -4.10
C THR B 504 3.00 0.74 -4.98
N ALA B 505 2.35 1.01 -6.11
CA ALA B 505 2.00 -0.07 -7.02
C ALA B 505 3.26 -0.85 -7.41
N GLN B 506 3.13 -2.16 -7.44
CA GLN B 506 4.29 -2.98 -7.62
C GLN B 506 4.87 -2.84 -9.03
N THR B 507 4.03 -2.60 -10.02
CA THR B 507 4.47 -2.56 -11.42
C THR B 507 4.04 -1.24 -12.07
N ALA B 508 5.00 -0.52 -12.64
CA ALA B 508 4.72 0.72 -13.38
C ALA B 508 5.12 0.60 -14.84
N ILE B 509 4.14 0.81 -15.73
CA ILE B 509 4.34 0.66 -17.16
C ILE B 509 4.12 1.96 -17.91
N ILE B 510 5.11 2.33 -18.72
CA ILE B 510 5.08 3.56 -19.50
C ILE B 510 5.13 3.26 -21.00
N PRO B 511 4.24 3.87 -21.80
CA PRO B 511 4.36 3.76 -23.23
C PRO B 511 5.61 4.40 -23.82
N MET B 512 6.19 3.76 -24.81
CA MET B 512 7.37 4.30 -25.42
C MET B 512 7.17 5.76 -25.90
N GLN B 513 5.98 6.09 -26.38
CA GLN B 513 5.70 7.46 -26.86
C GLN B 513 5.97 8.53 -25.80
N ASP B 514 5.70 8.21 -24.53
CA ASP B 514 5.89 9.15 -23.45
C ASP B 514 7.36 9.29 -23.05
N ILE B 515 8.12 8.23 -23.17
CA ILE B 515 9.55 8.30 -22.96
C ILE B 515 10.20 9.19 -24.02
N LEU B 516 9.65 9.11 -25.21
CA LEU B 516 10.13 9.93 -26.31
C LEU B 516 9.50 11.30 -26.26
N GLY B 517 8.53 11.52 -25.37
CA GLY B 517 7.95 12.83 -25.14
C GLY B 517 7.16 13.35 -26.32
N LEU B 518 6.45 12.44 -26.99
CA LEU B 518 5.77 12.79 -28.21
C LEU B 518 4.33 13.24 -27.94
N GLY B 519 3.79 14.01 -28.88
CA GLY B 519 2.43 14.54 -28.80
C GLY B 519 1.40 13.65 -29.47
N SER B 520 0.22 14.24 -29.70
CA SER B 520 -0.94 13.49 -30.15
C SER B 520 -0.79 12.74 -31.46
N SER B 521 0.16 13.13 -32.30
CA SER B 521 0.33 12.42 -33.57
C SER B 521 0.84 11.02 -33.32
N ALA B 522 1.43 10.77 -32.17
CA ALA B 522 1.91 9.40 -31.89
C ALA B 522 0.89 8.53 -31.11
N ARG B 523 -0.34 8.99 -30.96
CA ARG B 523 -1.38 8.19 -30.30
C ARG B 523 -1.59 6.88 -31.05
N MET B 524 -1.61 5.78 -30.32
CA MET B 524 -1.73 4.48 -30.95
C MET B 524 -3.17 4.26 -31.39
N ASN B 525 -4.13 4.42 -30.50
CA ASN B 525 -5.52 4.19 -30.84
C ASN B 525 -6.46 5.21 -30.20
N THR B 526 -7.50 5.60 -30.96
CA THR B 526 -8.61 6.43 -30.49
C THR B 526 -9.85 5.56 -30.61
N PRO B 527 -10.45 5.12 -29.50
CA PRO B 527 -11.62 4.25 -29.64
C PRO B 527 -12.76 4.87 -30.42
N ALA B 528 -13.55 4.04 -31.09
CA ALA B 528 -14.74 4.49 -31.83
C ALA B 528 -14.38 5.48 -32.93
N THR B 529 -13.15 5.39 -33.42
CA THR B 529 -12.84 5.77 -34.79
C THR B 529 -12.35 4.49 -35.46
N GLU B 530 -12.48 4.40 -36.77
CA GLU B 530 -12.15 3.17 -37.46
C GLU B 530 -10.94 3.31 -38.36
N VAL B 531 -10.39 4.51 -38.46
CA VAL B 531 -9.37 4.82 -39.44
C VAL B 531 -8.23 5.58 -38.76
N GLY B 532 -6.99 5.32 -39.18
CA GLY B 532 -5.83 6.03 -38.63
C GLY B 532 -5.28 5.50 -37.30
N ASN B 533 -5.65 4.27 -36.93
CA ASN B 533 -5.13 3.63 -35.72
C ASN B 533 -4.08 2.56 -35.96
N TRP B 534 -3.30 2.29 -34.91
CA TRP B 534 -2.38 1.18 -34.87
C TRP B 534 -1.12 1.42 -35.69
N GLY B 535 -0.94 2.64 -36.20
CA GLY B 535 0.09 2.87 -37.20
C GLY B 535 1.41 3.40 -36.68
N TRP B 536 1.46 3.84 -35.42
CA TRP B 536 2.65 4.55 -34.89
C TRP B 536 3.92 3.70 -34.96
N ARG B 537 5.01 4.33 -35.39
CA ARG B 537 6.32 3.71 -35.38
C ARG B 537 7.27 4.69 -34.73
N ILE B 538 8.27 4.15 -34.07
CA ILE B 538 9.38 4.96 -33.60
C ILE B 538 9.99 5.71 -34.80
N PRO B 539 10.18 7.04 -34.70
CA PRO B 539 10.78 7.83 -35.79
C PRO B 539 12.03 7.17 -36.36
N SER B 540 12.12 7.12 -37.67
CA SER B 540 13.17 6.37 -38.36
C SER B 540 14.61 6.74 -38.01
N SER B 541 14.84 7.96 -37.52
CA SER B 541 16.19 8.39 -37.11
C SER B 541 16.47 8.24 -35.61
N THR B 542 15.49 7.79 -34.84
CA THR B 542 15.67 7.62 -33.41
C THR B 542 16.06 6.17 -33.09
N SER B 543 17.35 5.85 -33.15
CA SER B 543 17.84 4.53 -32.80
C SER B 543 18.02 4.40 -31.29
N PHE B 544 18.13 3.16 -30.80
CA PHE B 544 18.30 2.94 -29.38
C PHE B 544 19.69 3.43 -28.90
N ASP B 545 20.65 3.41 -29.80
CA ASP B 545 21.94 4.04 -29.59
C ASP B 545 21.84 5.52 -29.25
N ASN B 546 20.81 6.18 -29.74
CA ASN B 546 20.59 7.58 -29.49
C ASN B 546 19.67 7.85 -28.34
N LEU B 547 19.45 6.88 -27.45
CA LEU B 547 18.55 7.10 -26.35
C LEU B 547 19.21 6.82 -24.99
N GLU B 548 20.52 7.05 -24.88
CA GLU B 548 21.24 6.87 -23.62
C GLU B 548 20.79 7.88 -22.59
N THR B 549 20.50 9.11 -23.01
CA THR B 549 20.06 10.15 -22.09
C THR B 549 18.74 9.73 -21.44
N GLU B 550 17.81 9.26 -22.26
CA GLU B 550 16.51 8.80 -21.75
C GLU B 550 16.65 7.57 -20.86
N SER B 551 17.56 6.68 -21.21
CA SER B 551 17.80 5.49 -20.42
C SER B 551 18.33 5.85 -19.06
N ASP B 552 19.35 6.72 -19.03
CA ASP B 552 19.94 7.21 -17.76
C ASP B 552 18.89 7.88 -16.89
N ARG B 553 18.02 8.65 -17.51
CA ARG B 553 17.03 9.38 -16.76
C ARG B 553 15.97 8.42 -16.14
N LEU B 554 15.56 7.42 -16.88
CA LEU B 554 14.67 6.36 -16.34
C LEU B 554 15.32 5.60 -15.22
N ARG B 555 16.55 5.18 -15.43
CA ARG B 555 17.30 4.43 -14.43
C ARG B 555 17.41 5.18 -13.10
N ASP B 556 17.68 6.48 -13.16
CA ASP B 556 17.73 7.32 -11.99
C ASP B 556 16.39 7.36 -11.26
N LEU B 557 15.29 7.47 -11.97
CA LEU B 557 13.96 7.37 -11.31
C LEU B 557 13.68 5.98 -10.68
N LEU B 558 14.07 4.93 -11.38
CA LEU B 558 13.89 3.57 -10.87
C LEU B 558 14.72 3.29 -9.63
N SER B 559 15.95 3.80 -9.64
CA SER B 559 16.79 3.72 -8.47
C SER B 559 16.23 4.53 -7.28
N LEU B 560 15.75 5.73 -7.52
CA LEU B 560 15.20 6.53 -6.44
C LEU B 560 13.95 5.84 -5.81
N TYR B 561 13.15 5.18 -6.62
CA TYR B 561 11.90 4.63 -6.12
C TYR B 561 11.96 3.09 -5.99
N GLY B 562 13.17 2.56 -5.87
CA GLY B 562 13.29 1.16 -5.49
C GLY B 562 12.74 0.16 -6.47
N ARG B 563 12.77 0.50 -7.76
CA ARG B 563 12.28 -0.40 -8.81
C ARG B 563 13.35 -1.10 -9.64
N LEU B 564 14.62 -1.02 -9.23
CA LEU B 564 15.69 -1.80 -9.88
C LEU B 564 15.84 -3.26 -9.41
#